data_2KR1
#
_entry.id   2KR1
#
_cell.length_a   1.000
_cell.length_b   1.000
_cell.length_c   1.000
_cell.angle_alpha   90.00
_cell.angle_beta   90.00
_cell.angle_gamma   90.00
#
_symmetry.space_group_name_H-M   'P 1'
#
loop_
_entity.id
_entity.type
_entity.pdbx_description
1 polymer 'Ubiquitin protein ligase E3A'
2 non-polymer 'ZINC ION'
#
_entity_poly.entity_id   1
_entity_poly.type   'polypeptide(L)'
_entity_poly.pdbx_seq_one_letter_code
;MHHHHHHSSGRENLYFQGMKRAAAKHLIERYYHQLTEGCGNEACTNEFCASCPTFLRMDNNAAAIKALELYKINAKLCDP
HP
;
_entity_poly.pdbx_strand_id   A
#
loop_
_chem_comp.id
_chem_comp.type
_chem_comp.name
_chem_comp.formula
ZN non-polymer 'ZINC ION' 'Zn 2'
#
# COMPACT_ATOMS: atom_id res chain seq x y z
N MET A 19 -5.99 22.48 -6.67
CA MET A 19 -4.61 21.94 -6.54
C MET A 19 -4.62 20.53 -5.93
N LYS A 20 -5.66 20.24 -5.10
CA LYS A 20 -5.86 18.92 -4.50
C LYS A 20 -6.11 17.86 -5.61
N ARG A 21 -5.12 16.99 -5.79
CA ARG A 21 -5.16 15.89 -6.77
C ARG A 21 -5.88 14.69 -6.13
N ALA A 22 -7.19 14.53 -6.42
CA ALA A 22 -8.02 13.46 -5.84
C ALA A 22 -7.53 12.07 -6.28
N ALA A 23 -7.18 11.94 -7.57
CA ALA A 23 -6.68 10.68 -8.17
C ALA A 23 -5.37 10.24 -7.51
N ALA A 24 -4.46 11.23 -7.29
CA ALA A 24 -3.16 11.01 -6.64
C ALA A 24 -3.33 10.63 -5.16
N LYS A 25 -4.27 11.33 -4.48
CA LYS A 25 -4.53 11.15 -3.04
C LYS A 25 -5.09 9.74 -2.75
N HIS A 26 -5.99 9.29 -3.65
CA HIS A 26 -6.59 7.94 -3.57
C HIS A 26 -5.55 6.87 -3.93
N LEU A 27 -4.62 7.19 -4.86
CA LEU A 27 -3.52 6.28 -5.25
C LEU A 27 -2.62 6.00 -4.03
N ILE A 28 -2.27 7.09 -3.32
CA ILE A 28 -1.54 7.05 -2.04
C ILE A 28 -2.33 6.27 -0.99
N GLU A 29 -3.67 6.43 -1.01
CA GLU A 29 -4.60 5.75 -0.08
C GLU A 29 -4.70 4.24 -0.35
N ARG A 30 -4.41 3.83 -1.61
CA ARG A 30 -4.38 2.40 -1.99
C ARG A 30 -3.08 1.75 -1.50
N TYR A 31 -1.98 2.53 -1.52
CA TYR A 31 -0.71 2.14 -0.88
C TYR A 31 -0.87 2.10 0.65
N TYR A 32 -1.57 3.10 1.21
CA TYR A 32 -1.82 3.24 2.65
C TYR A 32 -2.69 2.06 3.15
N HIS A 33 -3.71 1.72 2.34
CA HIS A 33 -4.60 0.58 2.60
C HIS A 33 -3.81 -0.72 2.50
N GLN A 34 -2.86 -0.75 1.55
CA GLN A 34 -1.97 -1.90 1.32
C GLN A 34 -1.12 -2.20 2.57
N LEU A 35 -0.65 -1.14 3.27
CA LEU A 35 0.15 -1.31 4.51
C LEU A 35 -0.75 -1.60 5.75
N THR A 36 -1.89 -0.90 5.88
CA THR A 36 -2.74 -1.00 7.10
C THR A 36 -3.59 -2.29 7.10
N GLU A 37 -4.44 -2.44 6.07
CA GLU A 37 -5.42 -3.56 5.98
C GLU A 37 -4.94 -4.66 5.03
N GLY A 38 -4.04 -4.31 4.11
CA GLY A 38 -3.57 -5.21 3.06
C GLY A 38 -4.33 -5.05 1.76
N CYS A 39 -4.54 -6.17 1.07
CA CYS A 39 -5.31 -6.23 -0.19
C CYS A 39 -6.35 -7.37 -0.18
N GLY A 40 -6.54 -8.00 1.00
CA GLY A 40 -7.62 -8.99 1.20
C GLY A 40 -7.21 -10.42 0.90
N ASN A 41 -6.46 -10.63 -0.20
CA ASN A 41 -6.11 -11.98 -0.70
C ASN A 41 -5.07 -12.67 0.22
N GLU A 42 -5.27 -13.98 0.47
CA GLU A 42 -4.34 -14.81 1.25
C GLU A 42 -3.03 -15.01 0.46
N ALA A 43 -3.17 -15.31 -0.84
CA ALA A 43 -2.02 -15.56 -1.73
C ALA A 43 -1.46 -14.24 -2.28
N CYS A 44 -0.72 -13.53 -1.41
CA CYS A 44 0.05 -12.33 -1.78
C CYS A 44 1.44 -12.43 -1.14
N THR A 45 2.49 -12.37 -1.99
CA THR A 45 3.89 -12.39 -1.54
C THR A 45 4.57 -11.05 -1.92
N ASN A 46 4.13 -10.01 -1.22
CA ASN A 46 4.62 -8.63 -1.43
C ASN A 46 5.05 -8.10 -0.06
N GLU A 47 6.36 -7.86 0.10
CA GLU A 47 6.96 -7.39 1.37
C GLU A 47 6.45 -5.98 1.75
N PHE A 48 6.05 -5.20 0.75
CA PHE A 48 5.52 -3.83 0.91
C PHE A 48 4.00 -3.85 1.15
N CYS A 49 3.47 -4.98 1.64
CA CYS A 49 2.03 -5.22 1.72
C CYS A 49 1.66 -6.06 2.95
N ALA A 50 0.56 -5.67 3.61
CA ALA A 50 -0.13 -6.45 4.64
C ALA A 50 -0.99 -7.53 3.97
N SER A 51 -1.43 -8.52 4.77
CA SER A 51 -2.07 -9.78 4.29
C SER A 51 -1.02 -10.72 3.64
N CYS A 52 0.27 -10.31 3.67
CA CYS A 52 1.41 -11.09 3.19
C CYS A 52 2.24 -11.55 4.41
N PRO A 53 2.84 -12.79 4.39
CA PRO A 53 3.66 -13.33 5.52
C PRO A 53 4.85 -12.41 5.89
N THR A 54 5.39 -11.75 4.86
CA THR A 54 6.62 -10.97 4.92
C THR A 54 6.43 -9.54 5.51
N PHE A 55 5.18 -9.20 5.90
CA PHE A 55 4.84 -7.87 6.46
C PHE A 55 5.13 -7.80 7.98
N LEU A 56 5.79 -6.70 8.39
CA LEU A 56 5.97 -6.34 9.82
C LEU A 56 4.98 -5.21 10.15
N ARG A 57 4.19 -5.40 11.21
CA ARG A 57 3.15 -4.45 11.66
C ARG A 57 3.73 -3.06 11.99
N MET A 58 3.43 -2.09 11.11
CA MET A 58 3.84 -0.67 11.28
C MET A 58 2.65 0.17 11.79
N ASP A 59 2.95 1.42 12.19
CA ASP A 59 1.94 2.41 12.59
C ASP A 59 1.24 2.97 11.35
N ASN A 60 0.09 3.65 11.55
CA ASN A 60 -0.66 4.31 10.45
C ASN A 60 0.07 5.56 9.94
N ASN A 61 0.89 6.18 10.81
CA ASN A 61 1.76 7.30 10.41
C ASN A 61 2.88 6.77 9.49
N ALA A 62 3.47 5.62 9.88
CA ALA A 62 4.53 4.92 9.13
C ALA A 62 3.98 4.34 7.81
N ALA A 63 2.70 3.93 7.84
CA ALA A 63 1.99 3.37 6.68
C ALA A 63 1.73 4.45 5.63
N ALA A 64 1.48 5.68 6.11
CA ALA A 64 1.27 6.85 5.26
C ALA A 64 2.60 7.38 4.69
N ILE A 65 3.67 7.28 5.50
CA ILE A 65 5.05 7.63 5.06
C ILE A 65 5.49 6.69 3.92
N LYS A 66 5.30 5.38 4.14
CA LYS A 66 5.70 4.36 3.18
C LYS A 66 4.73 4.32 1.97
N ALA A 67 3.49 4.83 2.18
CA ALA A 67 2.53 5.06 1.09
C ALA A 67 3.10 6.05 0.07
N LEU A 68 3.69 7.15 0.58
CA LEU A 68 4.37 8.18 -0.24
C LEU A 68 5.65 7.66 -0.91
N GLU A 69 6.41 6.80 -0.20
CA GLU A 69 7.65 6.19 -0.74
C GLU A 69 7.34 5.32 -1.96
N LEU A 70 6.43 4.36 -1.76
CA LEU A 70 5.98 3.41 -2.79
C LEU A 70 5.24 4.13 -3.92
N TYR A 71 4.61 5.27 -3.60
CA TYR A 71 3.89 6.10 -4.58
C TYR A 71 4.86 6.75 -5.56
N LYS A 72 5.87 7.46 -5.03
CA LYS A 72 6.77 8.31 -5.85
C LYS A 72 7.68 7.42 -6.74
N ILE A 73 8.10 6.26 -6.20
CA ILE A 73 8.93 5.29 -6.96
C ILE A 73 8.05 4.40 -7.85
N ASN A 74 6.72 4.37 -7.56
CA ASN A 74 5.71 3.54 -8.25
C ASN A 74 6.10 2.05 -8.17
N ALA A 75 6.08 1.53 -6.93
CA ALA A 75 6.44 0.14 -6.61
C ALA A 75 5.27 -0.83 -6.88
N LYS A 76 5.39 -2.05 -6.35
CA LYS A 76 4.36 -3.09 -6.50
C LYS A 76 3.11 -2.73 -5.67
N LEU A 77 2.12 -2.12 -6.34
CA LEU A 77 0.80 -1.87 -5.76
C LEU A 77 -0.12 -3.05 -6.06
N CYS A 78 -0.93 -3.43 -5.08
CA CYS A 78 -1.98 -4.43 -5.25
C CYS A 78 -3.28 -3.72 -5.59
N ASP A 79 -3.66 -3.74 -6.88
CA ASP A 79 -4.92 -3.16 -7.35
C ASP A 79 -6.10 -4.05 -6.93
N PRO A 80 -7.27 -3.46 -6.50
CA PRO A 80 -8.48 -4.25 -6.22
C PRO A 80 -9.18 -4.64 -7.55
N HIS A 81 -9.07 -5.92 -7.91
CA HIS A 81 -9.68 -6.48 -9.14
C HIS A 81 -10.60 -7.66 -8.75
N PRO A 82 -11.93 -7.42 -8.56
CA PRO A 82 -12.90 -8.50 -8.24
C PRO A 82 -13.06 -9.50 -9.43
ZN ZN B . -0.96 -7.44 -1.51
N MET A 19 -0.87 14.92 -13.73
CA MET A 19 -1.09 16.19 -13.01
C MET A 19 -2.43 16.18 -12.24
N LYS A 20 -3.13 15.02 -12.28
CA LYS A 20 -4.36 14.81 -11.50
C LYS A 20 -4.01 14.60 -10.02
N ARG A 21 -4.20 15.65 -9.21
CA ARG A 21 -3.92 15.62 -7.76
C ARG A 21 -4.94 14.72 -7.02
N ALA A 22 -6.15 14.61 -7.61
CA ALA A 22 -7.19 13.66 -7.14
C ALA A 22 -6.68 12.21 -7.25
N ALA A 23 -6.10 11.89 -8.43
CA ALA A 23 -5.51 10.56 -8.71
C ALA A 23 -4.33 10.25 -7.79
N ALA A 24 -3.54 11.31 -7.49
CA ALA A 24 -2.40 11.25 -6.55
C ALA A 24 -2.88 10.79 -5.16
N LYS A 25 -3.97 11.41 -4.68
CA LYS A 25 -4.59 11.10 -3.37
C LYS A 25 -5.26 9.72 -3.37
N HIS A 26 -5.74 9.26 -4.54
CA HIS A 26 -6.34 7.91 -4.69
C HIS A 26 -5.26 6.83 -4.57
N LEU A 27 -4.04 7.15 -5.02
CA LEU A 27 -2.87 6.26 -4.95
C LEU A 27 -2.32 6.20 -3.51
N ILE A 28 -2.21 7.38 -2.87
CA ILE A 28 -1.77 7.49 -1.45
C ILE A 28 -2.76 6.72 -0.55
N GLU A 29 -4.05 6.83 -0.87
CA GLU A 29 -5.17 6.09 -0.24
C GLU A 29 -4.95 4.56 -0.36
N ARG A 30 -4.61 4.09 -1.57
CA ARG A 30 -4.47 2.65 -1.89
C ARG A 30 -3.18 2.06 -1.32
N TYR A 31 -2.10 2.85 -1.23
CA TYR A 31 -0.81 2.41 -0.63
C TYR A 31 -0.92 2.39 0.91
N TYR A 32 -1.60 3.41 1.47
CA TYR A 32 -1.83 3.54 2.94
C TYR A 32 -2.59 2.31 3.48
N HIS A 33 -3.71 2.00 2.82
CA HIS A 33 -4.59 0.87 3.19
C HIS A 33 -3.99 -0.48 2.75
N GLN A 34 -3.07 -0.46 1.77
CA GLN A 34 -2.26 -1.66 1.41
C GLN A 34 -1.37 -2.07 2.59
N LEU A 35 -0.88 -1.08 3.34
CA LEU A 35 0.06 -1.29 4.45
C LEU A 35 -0.64 -1.52 5.81
N THR A 36 -1.74 -0.77 6.06
CA THR A 36 -2.50 -0.87 7.32
C THR A 36 -3.42 -2.11 7.31
N GLU A 37 -4.25 -2.23 6.26
CA GLU A 37 -5.26 -3.31 6.14
C GLU A 37 -4.66 -4.51 5.37
N GLY A 38 -4.07 -4.19 4.22
CA GLY A 38 -3.59 -5.17 3.27
C GLY A 38 -4.61 -5.46 2.20
N CYS A 39 -5.08 -6.70 2.15
CA CYS A 39 -6.10 -7.15 1.19
C CYS A 39 -6.88 -8.37 1.68
N GLY A 40 -6.54 -8.90 2.87
CA GLY A 40 -7.18 -10.11 3.40
C GLY A 40 -6.67 -11.42 2.78
N ASN A 41 -6.32 -11.36 1.49
CA ASN A 41 -5.96 -12.51 0.67
C ASN A 41 -4.58 -13.09 1.08
N GLU A 42 -4.56 -14.39 1.39
CA GLU A 42 -3.35 -15.12 1.83
C GLU A 42 -2.31 -15.21 0.70
N ALA A 43 -2.80 -15.45 -0.54
CA ALA A 43 -1.96 -15.55 -1.74
C ALA A 43 -1.60 -14.14 -2.24
N CYS A 44 -0.70 -13.48 -1.51
CA CYS A 44 -0.19 -12.15 -1.87
C CYS A 44 1.35 -12.14 -1.67
N THR A 45 2.09 -12.11 -2.80
CA THR A 45 3.55 -12.26 -2.84
C THR A 45 4.31 -10.93 -2.60
N ASN A 46 3.58 -9.81 -2.50
CA ASN A 46 4.18 -8.48 -2.29
C ASN A 46 4.47 -8.25 -0.80
N GLU A 47 5.77 -8.18 -0.47
CA GLU A 47 6.26 -7.90 0.90
C GLU A 47 5.88 -6.49 1.38
N PHE A 48 5.59 -5.56 0.43
CA PHE A 48 5.11 -4.19 0.73
C PHE A 48 3.57 -4.14 0.85
N CYS A 49 2.95 -5.26 1.26
CA CYS A 49 1.50 -5.36 1.46
C CYS A 49 1.21 -6.17 2.71
N ALA A 50 0.22 -5.74 3.50
CA ALA A 50 -0.28 -6.50 4.65
C ALA A 50 -1.12 -7.69 4.14
N SER A 51 -1.34 -8.67 5.03
CA SER A 51 -1.93 -10.00 4.71
C SER A 51 -0.89 -10.90 3.98
N CYS A 52 0.35 -10.38 3.81
CA CYS A 52 1.47 -11.14 3.23
C CYS A 52 2.42 -11.64 4.34
N PRO A 53 2.94 -12.92 4.25
CA PRO A 53 3.87 -13.51 5.26
C PRO A 53 5.14 -12.66 5.49
N THR A 54 5.67 -12.10 4.40
CA THR A 54 6.97 -11.38 4.37
C THR A 54 6.84 -9.88 4.69
N PHE A 55 5.63 -9.45 5.10
CA PHE A 55 5.36 -8.04 5.44
C PHE A 55 5.81 -7.72 6.86
N LEU A 56 6.41 -6.53 7.04
CA LEU A 56 6.73 -5.97 8.35
C LEU A 56 5.66 -4.92 8.68
N ARG A 57 4.91 -5.15 9.78
CA ARG A 57 3.73 -4.35 10.16
C ARG A 57 4.06 -2.86 10.34
N MET A 58 3.31 -2.02 9.62
CA MET A 58 3.38 -0.55 9.74
C MET A 58 1.94 0.00 9.82
N ASP A 59 1.64 0.68 10.94
CA ASP A 59 0.30 1.24 11.21
C ASP A 59 0.21 2.69 10.71
N ASN A 60 -0.93 3.35 11.02
CA ASN A 60 -1.43 4.57 10.33
C ASN A 60 -0.35 5.66 10.05
N ASN A 61 0.48 6.03 11.05
CA ASN A 61 1.53 7.07 10.88
C ASN A 61 2.66 6.55 9.98
N ALA A 62 3.16 5.34 10.29
CA ALA A 62 4.28 4.70 9.57
C ALA A 62 3.89 4.34 8.11
N ALA A 63 2.60 4.04 7.92
CA ALA A 63 2.04 3.58 6.64
C ALA A 63 1.66 4.78 5.75
N ALA A 64 1.38 5.94 6.38
CA ALA A 64 1.13 7.21 5.68
C ALA A 64 2.42 7.70 5.01
N ILE A 65 3.51 7.68 5.80
CA ILE A 65 4.87 8.03 5.33
C ILE A 65 5.29 7.08 4.18
N LYS A 66 5.12 5.77 4.43
CA LYS A 66 5.51 4.71 3.49
C LYS A 66 4.58 4.70 2.26
N ALA A 67 3.36 5.24 2.39
CA ALA A 67 2.41 5.40 1.26
C ALA A 67 2.99 6.36 0.21
N LEU A 68 3.53 7.49 0.70
CA LEU A 68 4.23 8.50 -0.16
C LEU A 68 5.52 7.92 -0.76
N GLU A 69 6.25 7.12 0.03
CA GLU A 69 7.50 6.46 -0.40
C GLU A 69 7.25 5.50 -1.58
N LEU A 70 6.28 4.58 -1.38
CA LEU A 70 5.92 3.56 -2.37
C LEU A 70 5.22 4.17 -3.60
N TYR A 71 4.63 5.36 -3.41
CA TYR A 71 3.99 6.10 -4.51
C TYR A 71 5.05 6.72 -5.44
N LYS A 72 6.02 7.45 -4.86
CA LYS A 72 7.02 8.24 -5.65
C LYS A 72 8.00 7.32 -6.41
N ILE A 73 8.33 6.15 -5.81
CA ILE A 73 9.25 5.16 -6.44
C ILE A 73 8.48 4.23 -7.41
N ASN A 74 7.13 4.25 -7.31
CA ASN A 74 6.22 3.37 -8.09
C ASN A 74 6.50 1.89 -7.75
N ALA A 75 6.29 1.57 -6.46
CA ALA A 75 6.43 0.20 -5.93
C ALA A 75 5.18 -0.64 -6.25
N LYS A 76 5.22 -1.91 -5.84
CA LYS A 76 4.15 -2.88 -6.10
C LYS A 76 2.85 -2.51 -5.36
N LEU A 77 1.87 -2.00 -6.13
CA LEU A 77 0.52 -1.70 -5.64
C LEU A 77 -0.34 -2.97 -5.74
N CYS A 78 -1.12 -3.26 -4.68
CA CYS A 78 -1.89 -4.51 -4.58
C CYS A 78 -3.27 -4.40 -5.27
N ASP A 79 -3.52 -3.27 -5.96
CA ASP A 79 -4.77 -3.06 -6.71
C ASP A 79 -4.95 -4.21 -7.73
N PRO A 80 -6.08 -4.98 -7.66
CA PRO A 80 -6.26 -6.19 -8.48
C PRO A 80 -6.49 -5.82 -9.97
N HIS A 81 -5.47 -6.09 -10.79
CA HIS A 81 -5.51 -5.87 -12.25
C HIS A 81 -5.92 -7.17 -12.96
N PRO A 82 -6.43 -7.11 -14.24
CA PRO A 82 -6.66 -8.32 -15.06
C PRO A 82 -5.34 -9.14 -15.28
ZN ZN B . -2.03 -7.68 -0.98
N MET A 19 1.39 18.16 -8.17
CA MET A 19 1.51 16.71 -8.45
C MET A 19 0.37 15.93 -7.80
N LYS A 20 -0.09 16.40 -6.61
CA LYS A 20 -1.15 15.75 -5.85
C LYS A 20 -2.52 16.05 -6.47
N ARG A 21 -2.92 15.17 -7.39
CA ARG A 21 -4.26 15.18 -8.01
C ARG A 21 -5.25 14.38 -7.14
N ALA A 22 -6.51 14.30 -7.60
CA ALA A 22 -7.55 13.48 -6.95
C ALA A 22 -7.24 11.98 -7.09
N ALA A 23 -6.79 11.58 -8.30
CA ALA A 23 -6.38 10.20 -8.61
C ALA A 23 -5.06 9.86 -7.90
N ALA A 24 -4.17 10.86 -7.79
CA ALA A 24 -2.88 10.73 -7.07
C ALA A 24 -3.10 10.52 -5.57
N LYS A 25 -4.08 11.26 -5.01
CA LYS A 25 -4.50 11.12 -3.59
C LYS A 25 -5.07 9.73 -3.36
N HIS A 26 -5.91 9.27 -4.30
CA HIS A 26 -6.51 7.92 -4.28
C HIS A 26 -5.42 6.83 -4.36
N LEU A 27 -4.35 7.12 -5.12
CA LEU A 27 -3.22 6.18 -5.34
C LEU A 27 -2.40 6.02 -4.04
N ILE A 28 -2.27 7.14 -3.30
CA ILE A 28 -1.65 7.16 -1.96
C ILE A 28 -2.53 6.35 -0.98
N GLU A 29 -3.87 6.47 -1.14
CA GLU A 29 -4.86 5.70 -0.36
C GLU A 29 -4.79 4.19 -0.67
N ARG A 30 -4.41 3.84 -1.91
CA ARG A 30 -4.23 2.44 -2.33
C ARG A 30 -3.05 1.82 -1.58
N TYR A 31 -1.92 2.56 -1.56
CA TYR A 31 -0.69 2.16 -0.84
C TYR A 31 -0.90 2.14 0.68
N TYR A 32 -1.69 3.09 1.20
CA TYR A 32 -1.95 3.20 2.65
C TYR A 32 -2.80 2.01 3.12
N HIS A 33 -3.90 1.76 2.39
CA HIS A 33 -4.82 0.63 2.65
C HIS A 33 -4.09 -0.71 2.43
N GLN A 34 -3.10 -0.71 1.52
CA GLN A 34 -2.23 -1.87 1.24
C GLN A 34 -1.41 -2.24 2.49
N LEU A 35 -0.89 -1.21 3.18
CA LEU A 35 -0.02 -1.38 4.36
C LEU A 35 -0.80 -1.71 5.65
N THR A 36 -1.87 -0.94 5.90
CA THR A 36 -2.62 -1.00 7.17
C THR A 36 -3.66 -2.12 7.18
N GLU A 37 -4.20 -2.48 6.00
CA GLU A 37 -5.32 -3.44 5.88
C GLU A 37 -4.90 -4.68 5.07
N GLY A 38 -4.41 -4.43 3.84
CA GLY A 38 -4.12 -5.48 2.85
C GLY A 38 -5.03 -5.37 1.64
N CYS A 39 -5.45 -6.54 1.12
CA CYS A 39 -6.34 -6.66 -0.07
C CYS A 39 -7.36 -7.79 0.10
N GLY A 40 -7.35 -8.48 1.26
CA GLY A 40 -8.25 -9.60 1.52
C GLY A 40 -7.59 -10.95 1.26
N ASN A 41 -6.67 -10.97 0.26
CA ASN A 41 -5.92 -12.17 -0.16
C ASN A 41 -5.24 -12.87 1.05
N GLU A 42 -5.63 -14.13 1.29
CA GLU A 42 -4.93 -15.02 2.22
C GLU A 42 -3.50 -15.27 1.70
N ALA A 43 -3.42 -15.59 0.40
CA ALA A 43 -2.17 -15.78 -0.32
C ALA A 43 -1.92 -14.57 -1.25
N CYS A 44 -1.00 -13.69 -0.83
CA CYS A 44 -0.51 -12.55 -1.63
C CYS A 44 0.99 -12.40 -1.38
N THR A 45 1.74 -12.20 -2.46
CA THR A 45 3.17 -12.18 -2.46
C THR A 45 3.66 -10.77 -2.83
N ASN A 46 3.71 -9.90 -1.81
CA ASN A 46 4.28 -8.55 -1.91
C ASN A 46 4.72 -8.08 -0.53
N GLU A 47 6.00 -7.68 -0.45
CA GLU A 47 6.67 -7.21 0.78
C GLU A 47 6.06 -5.89 1.32
N PHE A 48 5.30 -5.18 0.45
CA PHE A 48 4.64 -3.90 0.79
C PHE A 48 3.13 -4.08 1.06
N CYS A 49 2.63 -5.32 0.95
CA CYS A 49 1.19 -5.62 1.13
C CYS A 49 0.96 -6.35 2.47
N ALA A 50 -0.10 -5.98 3.20
CA ALA A 50 -0.39 -6.53 4.53
C ALA A 50 -0.89 -7.96 4.43
N SER A 51 -0.58 -8.76 5.48
CA SER A 51 -0.92 -10.20 5.58
C SER A 51 -0.02 -11.09 4.69
N CYS A 52 0.97 -10.48 4.01
CA CYS A 52 1.97 -11.20 3.20
C CYS A 52 3.15 -11.69 4.09
N PRO A 53 3.83 -12.83 3.72
CA PRO A 53 4.91 -13.44 4.54
C PRO A 53 6.04 -12.46 4.93
N THR A 54 6.51 -11.70 3.94
CA THR A 54 7.68 -10.81 4.08
C THR A 54 7.30 -9.39 4.55
N PHE A 55 6.07 -9.25 5.10
CA PHE A 55 5.54 -7.96 5.58
C PHE A 55 5.43 -7.97 7.12
N LEU A 56 5.63 -6.79 7.74
CA LEU A 56 5.43 -6.57 9.19
C LEU A 56 4.55 -5.31 9.36
N ARG A 57 3.60 -5.39 10.31
CA ARG A 57 2.63 -4.30 10.56
C ARG A 57 3.33 -3.06 11.13
N MET A 58 3.27 -1.96 10.38
CA MET A 58 3.80 -0.66 10.80
C MET A 58 2.71 0.18 11.51
N ASP A 59 3.15 1.24 12.22
CA ASP A 59 2.26 2.25 12.84
C ASP A 59 1.51 3.04 11.74
N ASN A 60 0.40 3.74 12.09
CA ASN A 60 -0.44 4.48 11.10
C ASN A 60 0.36 5.62 10.43
N ASN A 61 1.23 6.29 11.23
CA ASN A 61 2.08 7.39 10.76
C ASN A 61 3.24 6.84 9.91
N ALA A 62 3.75 5.66 10.30
CA ALA A 62 4.81 4.95 9.57
C ALA A 62 4.29 4.47 8.19
N ALA A 63 3.01 4.04 8.18
CA ALA A 63 2.29 3.59 6.97
C ALA A 63 1.93 4.78 6.08
N ALA A 64 1.71 5.94 6.71
CA ALA A 64 1.44 7.20 6.01
C ALA A 64 2.68 7.64 5.21
N ILE A 65 3.84 7.66 5.89
CA ILE A 65 5.15 7.97 5.27
C ILE A 65 5.45 6.95 4.16
N LYS A 66 5.29 5.65 4.49
CA LYS A 66 5.61 4.54 3.58
C LYS A 66 4.72 4.58 2.33
N ALA A 67 3.44 4.99 2.51
CA ALA A 67 2.47 5.12 1.39
C ALA A 67 2.94 6.18 0.38
N LEU A 68 3.46 7.30 0.91
CA LEU A 68 4.04 8.39 0.10
C LEU A 68 5.34 7.95 -0.59
N GLU A 69 6.15 7.13 0.10
CA GLU A 69 7.44 6.64 -0.44
C GLU A 69 7.22 5.63 -1.57
N LEU A 70 6.23 4.75 -1.38
CA LEU A 70 5.85 3.74 -2.37
C LEU A 70 5.17 4.41 -3.59
N TYR A 71 4.52 5.56 -3.33
CA TYR A 71 3.87 6.36 -4.39
C TYR A 71 4.94 7.01 -5.29
N LYS A 72 5.90 7.75 -4.69
CA LYS A 72 6.92 8.53 -5.42
C LYS A 72 7.83 7.61 -6.27
N ILE A 73 8.22 6.45 -5.70
CA ILE A 73 9.11 5.48 -6.39
C ILE A 73 8.30 4.58 -7.36
N ASN A 74 6.97 4.52 -7.12
CA ASN A 74 6.04 3.59 -7.79
C ASN A 74 6.51 2.13 -7.59
N ALA A 75 6.30 1.64 -6.36
CA ALA A 75 6.63 0.26 -5.96
C ALA A 75 5.54 -0.72 -6.45
N LYS A 76 5.57 -1.97 -5.93
CA LYS A 76 4.56 -2.98 -6.25
C LYS A 76 3.21 -2.58 -5.61
N LEU A 77 2.37 -1.93 -6.43
CA LEU A 77 1.01 -1.57 -6.05
C LEU A 77 0.11 -2.80 -6.17
N CYS A 78 -0.69 -3.08 -5.14
CA CYS A 78 -1.55 -4.25 -5.11
C CYS A 78 -2.99 -3.88 -5.54
N ASP A 79 -3.22 -3.96 -6.86
CA ASP A 79 -4.56 -3.90 -7.45
C ASP A 79 -5.28 -5.25 -7.19
N PRO A 80 -6.64 -5.26 -7.00
CA PRO A 80 -7.38 -6.55 -6.84
C PRO A 80 -7.38 -7.34 -8.17
N HIS A 81 -6.62 -8.44 -8.21
CA HIS A 81 -6.45 -9.29 -9.41
C HIS A 81 -7.41 -10.51 -9.31
N PRO A 82 -8.55 -10.55 -10.09
CA PRO A 82 -9.44 -11.73 -10.15
C PRO A 82 -8.77 -12.92 -10.89
ZN ZN B . -2.14 -7.80 -1.81
N MET A 19 -2.32 20.56 -6.04
CA MET A 19 -1.16 19.66 -6.33
C MET A 19 -1.50 18.21 -5.97
N LYS A 20 -2.29 18.02 -4.90
CA LYS A 20 -2.77 16.70 -4.48
C LYS A 20 -4.01 16.34 -5.31
N ARG A 21 -3.74 15.93 -6.56
CA ARG A 21 -4.76 15.50 -7.56
C ARG A 21 -5.52 14.27 -7.03
N ALA A 22 -6.85 14.21 -7.25
CA ALA A 22 -7.74 13.16 -6.68
C ALA A 22 -7.27 11.73 -7.05
N ALA A 23 -6.84 11.56 -8.31
CA ALA A 23 -6.30 10.28 -8.81
C ALA A 23 -5.02 9.88 -8.05
N ALA A 24 -4.12 10.87 -7.90
CA ALA A 24 -2.81 10.73 -7.23
C ALA A 24 -2.96 10.65 -5.70
N LYS A 25 -4.05 11.25 -5.18
CA LYS A 25 -4.35 11.32 -3.75
C LYS A 25 -4.80 9.94 -3.27
N HIS A 26 -5.80 9.41 -3.99
CA HIS A 26 -6.37 8.08 -3.71
C HIS A 26 -5.38 6.97 -4.08
N LEU A 27 -4.42 7.29 -4.99
CA LEU A 27 -3.25 6.42 -5.29
C LEU A 27 -2.43 6.19 -3.99
N ILE A 28 -2.24 7.29 -3.23
CA ILE A 28 -1.59 7.25 -1.89
C ILE A 28 -2.46 6.48 -0.88
N GLU A 29 -3.80 6.60 -0.99
CA GLU A 29 -4.75 5.78 -0.19
C GLU A 29 -4.71 4.30 -0.58
N ARG A 30 -4.33 3.99 -1.83
CA ARG A 30 -4.19 2.59 -2.31
C ARG A 30 -2.97 1.95 -1.65
N TYR A 31 -1.87 2.72 -1.59
CA TYR A 31 -0.66 2.33 -0.86
C TYR A 31 -0.95 2.22 0.64
N TYR A 32 -1.59 3.24 1.20
CA TYR A 32 -1.93 3.30 2.65
C TYR A 32 -2.79 2.09 3.03
N HIS A 33 -3.71 1.73 2.12
CA HIS A 33 -4.55 0.53 2.24
C HIS A 33 -3.67 -0.73 2.20
N GLN A 34 -2.69 -0.74 1.29
CA GLN A 34 -1.77 -1.88 1.10
C GLN A 34 -0.81 -2.03 2.32
N LEU A 35 -0.54 -0.94 3.04
CA LEU A 35 0.34 -0.97 4.24
C LEU A 35 -0.45 -1.32 5.52
N THR A 36 -1.75 -0.92 5.60
CA THR A 36 -2.57 -1.15 6.80
C THR A 36 -3.27 -2.53 6.76
N GLU A 37 -3.97 -2.82 5.65
CA GLU A 37 -4.75 -4.07 5.47
C GLU A 37 -4.12 -5.01 4.44
N GLY A 38 -3.46 -4.42 3.42
CA GLY A 38 -2.97 -5.17 2.27
C GLY A 38 -3.96 -5.14 1.13
N CYS A 39 -4.59 -6.28 0.89
CA CYS A 39 -5.66 -6.43 -0.13
C CYS A 39 -6.65 -7.53 0.30
N GLY A 40 -6.54 -8.00 1.56
CA GLY A 40 -7.39 -9.06 2.10
C GLY A 40 -6.75 -10.44 1.99
N ASN A 41 -6.26 -10.76 0.77
CA ASN A 41 -5.62 -12.06 0.47
C ASN A 41 -4.30 -12.22 1.25
N GLU A 42 -4.26 -13.23 2.14
CA GLU A 42 -3.06 -13.55 2.96
C GLU A 42 -1.95 -14.19 2.11
N ALA A 43 -2.37 -14.98 1.09
CA ALA A 43 -1.48 -15.68 0.15
C ALA A 43 -1.13 -14.76 -1.05
N CYS A 44 -0.72 -13.54 -0.72
CA CYS A 44 -0.32 -12.49 -1.67
C CYS A 44 1.22 -12.38 -1.69
N THR A 45 1.82 -12.52 -2.90
CA THR A 45 3.29 -12.57 -3.09
C THR A 45 3.94 -11.15 -3.14
N ASN A 46 3.35 -10.19 -2.43
CA ASN A 46 3.81 -8.79 -2.36
C ASN A 46 4.32 -8.52 -0.93
N GLU A 47 5.64 -8.30 -0.80
CA GLU A 47 6.33 -8.03 0.49
C GLU A 47 5.94 -6.66 1.09
N PHE A 48 5.49 -5.72 0.24
CA PHE A 48 5.01 -4.37 0.66
C PHE A 48 3.49 -4.36 0.96
N CYS A 49 2.94 -5.55 1.28
CA CYS A 49 1.48 -5.75 1.43
C CYS A 49 1.17 -6.38 2.78
N ALA A 50 0.29 -5.75 3.56
CA ALA A 50 -0.16 -6.25 4.86
C ALA A 50 -1.05 -7.48 4.68
N SER A 51 -1.21 -8.25 5.77
CA SER A 51 -1.88 -9.58 5.78
C SER A 51 -1.01 -10.67 5.07
N CYS A 52 0.20 -10.29 4.59
CA CYS A 52 1.14 -11.25 3.97
C CYS A 52 2.24 -11.64 5.00
N PRO A 53 2.73 -12.92 4.99
CA PRO A 53 3.78 -13.39 5.94
C PRO A 53 5.17 -12.84 5.59
N THR A 54 5.27 -12.14 4.44
CA THR A 54 6.49 -11.50 3.95
C THR A 54 6.50 -9.99 4.23
N PHE A 55 5.56 -9.54 5.09
CA PHE A 55 5.44 -8.12 5.50
C PHE A 55 5.59 -7.99 7.02
N LEU A 56 6.00 -6.79 7.47
CA LEU A 56 6.08 -6.41 8.89
C LEU A 56 5.06 -5.28 9.14
N ARG A 57 4.00 -5.59 9.93
CA ARG A 57 2.92 -4.61 10.26
C ARG A 57 3.50 -3.34 10.92
N MET A 58 2.95 -2.19 10.51
CA MET A 58 3.40 -0.86 10.96
C MET A 58 2.20 -0.03 11.43
N ASP A 59 2.52 1.07 12.13
CA ASP A 59 1.53 2.05 12.63
C ASP A 59 0.87 2.82 11.46
N ASN A 60 -0.29 3.45 11.71
CA ASN A 60 -1.04 4.23 10.69
C ASN A 60 -0.21 5.41 10.13
N ASN A 61 0.53 6.11 11.02
CA ASN A 61 1.41 7.23 10.63
C ASN A 61 2.63 6.70 9.84
N ALA A 62 3.17 5.55 10.30
CA ALA A 62 4.29 4.85 9.62
C ALA A 62 3.86 4.32 8.24
N ALA A 63 2.57 3.96 8.14
CA ALA A 63 1.94 3.45 6.91
C ALA A 63 1.71 4.59 5.92
N ALA A 64 1.51 5.81 6.45
CA ALA A 64 1.36 7.04 5.66
C ALA A 64 2.72 7.50 5.09
N ILE A 65 3.78 7.32 5.90
CA ILE A 65 5.18 7.60 5.48
C ILE A 65 5.59 6.64 4.36
N LYS A 66 5.33 5.33 4.59
CA LYS A 66 5.67 4.25 3.65
C LYS A 66 4.82 4.36 2.37
N ALA A 67 3.55 4.80 2.53
CA ALA A 67 2.63 5.06 1.41
C ALA A 67 3.20 6.13 0.48
N LEU A 68 3.79 7.17 1.08
CA LEU A 68 4.38 8.31 0.35
C LEU A 68 5.70 7.90 -0.34
N GLU A 69 6.48 7.04 0.34
CA GLU A 69 7.73 6.46 -0.21
C GLU A 69 7.43 5.67 -1.49
N LEU A 70 6.52 4.71 -1.34
CA LEU A 70 6.10 3.82 -2.42
C LEU A 70 5.35 4.58 -3.53
N TYR A 71 4.72 5.70 -3.16
CA TYR A 71 4.02 6.60 -4.10
C TYR A 71 5.00 7.24 -5.08
N LYS A 72 6.02 7.91 -4.53
CA LYS A 72 6.94 8.73 -5.33
C LYS A 72 7.86 7.87 -6.21
N ILE A 73 8.14 6.63 -5.77
CA ILE A 73 8.97 5.66 -6.55
C ILE A 73 8.08 4.81 -7.49
N ASN A 74 6.75 4.83 -7.26
CA ASN A 74 5.75 4.01 -7.99
C ASN A 74 6.05 2.49 -7.84
N ALA A 75 5.89 2.00 -6.61
CA ALA A 75 6.06 0.57 -6.28
C ALA A 75 4.85 -0.28 -6.73
N LYS A 76 4.94 -1.58 -6.46
CA LYS A 76 3.91 -2.58 -6.82
C LYS A 76 2.63 -2.42 -5.96
N LEU A 77 1.51 -2.09 -6.63
CA LEU A 77 0.18 -2.03 -6.00
C LEU A 77 -0.61 -3.31 -6.27
N CYS A 78 -1.41 -3.70 -5.28
CA CYS A 78 -2.45 -4.73 -5.42
C CYS A 78 -3.75 -4.09 -5.92
N ASP A 79 -3.92 -2.82 -5.54
CA ASP A 79 -5.13 -2.04 -5.80
C ASP A 79 -5.18 -1.55 -7.26
N PRO A 80 -6.39 -1.54 -7.91
CA PRO A 80 -6.60 -0.88 -9.21
C PRO A 80 -6.37 0.65 -9.12
N HIS A 81 -5.76 1.24 -10.16
CA HIS A 81 -5.47 2.68 -10.23
C HIS A 81 -6.81 3.46 -10.32
N PRO A 82 -7.07 4.42 -9.36
CA PRO A 82 -8.29 5.27 -9.39
C PRO A 82 -8.28 6.25 -10.60
ZN ZN B . -1.63 -7.76 -1.69
N MET A 19 0.47 19.47 -5.83
CA MET A 19 0.00 18.12 -6.28
C MET A 19 -1.48 17.89 -5.88
N LYS A 20 -2.30 18.96 -5.97
CA LYS A 20 -3.75 18.90 -5.74
C LYS A 20 -4.44 18.13 -6.89
N ARG A 21 -4.58 16.82 -6.69
CA ARG A 21 -5.15 15.90 -7.69
C ARG A 21 -5.87 14.77 -6.95
N ALA A 22 -7.14 14.50 -7.35
CA ALA A 22 -7.96 13.43 -6.77
C ALA A 22 -7.35 12.04 -7.03
N ALA A 23 -6.86 11.85 -8.27
CA ALA A 23 -6.21 10.59 -8.69
C ALA A 23 -4.92 10.32 -7.89
N ALA A 24 -4.21 11.41 -7.52
CA ALA A 24 -2.95 11.34 -6.75
C ALA A 24 -3.22 10.98 -5.28
N LYS A 25 -4.22 11.67 -4.68
CA LYS A 25 -4.66 11.43 -3.30
C LYS A 25 -5.14 9.98 -3.12
N HIS A 26 -5.97 9.53 -4.08
CA HIS A 26 -6.53 8.17 -4.08
C HIS A 26 -5.45 7.12 -4.43
N LEU A 27 -4.37 7.52 -5.13
CA LEU A 27 -3.23 6.63 -5.44
C LEU A 27 -2.44 6.32 -4.15
N ILE A 28 -2.17 7.40 -3.37
CA ILE A 28 -1.53 7.32 -2.04
C ILE A 28 -2.41 6.50 -1.08
N GLU A 29 -3.74 6.67 -1.23
CA GLU A 29 -4.77 5.95 -0.48
C GLU A 29 -4.68 4.43 -0.72
N ARG A 30 -4.32 4.03 -1.95
CA ARG A 30 -4.16 2.61 -2.33
C ARG A 30 -2.91 2.01 -1.70
N TYR A 31 -1.81 2.79 -1.66
CA TYR A 31 -0.56 2.37 -0.99
C TYR A 31 -0.75 2.29 0.55
N TYR A 32 -1.53 3.23 1.10
CA TYR A 32 -1.82 3.28 2.55
C TYR A 32 -2.70 2.09 2.96
N HIS A 33 -3.76 1.88 2.16
CA HIS A 33 -4.72 0.77 2.34
C HIS A 33 -4.00 -0.58 2.20
N GLN A 34 -3.00 -0.61 1.31
CA GLN A 34 -2.17 -1.79 1.06
C GLN A 34 -1.39 -2.21 2.32
N LEU A 35 -0.82 -1.23 3.02
CA LEU A 35 0.03 -1.46 4.21
C LEU A 35 -0.81 -1.72 5.49
N THR A 36 -1.87 -0.92 5.70
CA THR A 36 -2.69 -0.98 6.94
C THR A 36 -3.77 -2.07 6.84
N GLU A 37 -4.66 -1.94 5.84
CA GLU A 37 -5.85 -2.79 5.70
C GLU A 37 -5.49 -4.14 5.07
N GLY A 38 -4.62 -4.09 4.06
CA GLY A 38 -4.21 -5.27 3.29
C GLY A 38 -5.07 -5.49 2.07
N CYS A 39 -5.15 -6.75 1.64
CA CYS A 39 -6.02 -7.19 0.52
C CYS A 39 -6.82 -8.45 0.88
N GLY A 40 -6.68 -8.94 2.13
CA GLY A 40 -7.44 -10.11 2.62
C GLY A 40 -6.87 -11.47 2.18
N ASN A 41 -6.30 -11.53 0.95
CA ASN A 41 -5.81 -12.79 0.32
C ASN A 41 -4.71 -13.49 1.15
N GLU A 42 -4.81 -14.83 1.25
CA GLU A 42 -3.90 -15.69 2.04
C GLU A 42 -2.43 -15.52 1.58
N ALA A 43 -2.06 -16.10 0.41
CA ALA A 43 -0.69 -16.05 -0.11
C ALA A 43 -0.55 -14.91 -1.12
N CYS A 44 -0.42 -13.68 -0.60
CA CYS A 44 -0.24 -12.47 -1.40
C CYS A 44 1.23 -12.29 -1.81
N THR A 45 1.48 -12.11 -3.13
CA THR A 45 2.84 -12.10 -3.72
C THR A 45 3.43 -10.66 -3.81
N ASN A 46 3.50 -9.97 -2.65
CA ASN A 46 4.15 -8.64 -2.55
C ASN A 46 4.60 -8.39 -1.10
N GLU A 47 5.91 -8.19 -0.92
CA GLU A 47 6.53 -7.88 0.39
C GLU A 47 5.95 -6.59 1.02
N PHE A 48 5.67 -5.58 0.17
CA PHE A 48 5.08 -4.29 0.59
C PHE A 48 3.55 -4.37 0.56
N CYS A 49 2.98 -5.25 1.37
CA CYS A 49 1.52 -5.44 1.43
C CYS A 49 1.13 -6.24 2.67
N ALA A 50 0.11 -5.77 3.41
CA ALA A 50 -0.53 -6.56 4.47
C ALA A 50 -1.37 -7.67 3.81
N SER A 51 -1.67 -8.73 4.60
CA SER A 51 -2.14 -10.04 4.10
C SER A 51 -0.98 -10.85 3.48
N CYS A 52 0.26 -10.37 3.68
CA CYS A 52 1.50 -11.12 3.41
C CYS A 52 2.21 -11.37 4.74
N PRO A 53 2.69 -12.63 5.02
CA PRO A 53 3.50 -12.93 6.24
C PRO A 53 4.87 -12.21 6.24
N THR A 54 5.30 -11.80 5.03
CA THR A 54 6.56 -11.07 4.80
C THR A 54 6.47 -9.61 5.31
N PHE A 55 5.23 -9.08 5.37
CA PHE A 55 4.98 -7.70 5.83
C PHE A 55 5.07 -7.61 7.37
N LEU A 56 5.97 -6.76 7.87
CA LEU A 56 6.02 -6.40 9.29
C LEU A 56 4.96 -5.32 9.57
N ARG A 57 4.10 -5.56 10.56
CA ARG A 57 3.09 -4.60 11.00
C ARG A 57 3.75 -3.32 11.53
N MET A 58 3.65 -2.26 10.71
CA MET A 58 4.13 -0.92 11.04
C MET A 58 2.96 -0.07 11.60
N ASP A 59 3.29 1.11 12.13
CA ASP A 59 2.30 2.06 12.66
C ASP A 59 1.53 2.72 11.48
N ASN A 60 0.38 3.34 11.78
CA ASN A 60 -0.48 4.04 10.79
C ASN A 60 0.25 5.27 10.20
N ASN A 61 1.02 5.99 11.05
CA ASN A 61 1.84 7.13 10.62
C ASN A 61 2.98 6.64 9.72
N ALA A 62 3.60 5.53 10.15
CA ALA A 62 4.69 4.85 9.42
C ALA A 62 4.21 4.40 8.03
N ALA A 63 2.97 3.89 7.97
CA ALA A 63 2.34 3.39 6.74
C ALA A 63 1.92 4.56 5.84
N ALA A 64 1.65 5.73 6.45
CA ALA A 64 1.33 6.97 5.71
C ALA A 64 2.59 7.56 5.06
N ILE A 65 3.72 7.49 5.79
CA ILE A 65 5.04 7.91 5.27
C ILE A 65 5.43 6.98 4.11
N LYS A 66 5.33 5.67 4.35
CA LYS A 66 5.71 4.65 3.37
C LYS A 66 4.72 4.62 2.19
N ALA A 67 3.49 5.13 2.40
CA ALA A 67 2.50 5.33 1.32
C ALA A 67 3.04 6.38 0.32
N LEU A 68 3.59 7.48 0.87
CA LEU A 68 4.22 8.56 0.08
C LEU A 68 5.54 8.11 -0.58
N GLU A 69 6.32 7.24 0.13
CA GLU A 69 7.58 6.70 -0.40
C GLU A 69 7.29 5.80 -1.61
N LEU A 70 6.46 4.77 -1.38
CA LEU A 70 6.04 3.80 -2.41
C LEU A 70 5.31 4.49 -3.59
N TYR A 71 4.68 5.65 -3.29
CA TYR A 71 3.98 6.46 -4.29
C TYR A 71 4.95 7.02 -5.33
N LYS A 72 5.97 7.76 -4.85
CA LYS A 72 6.88 8.50 -5.72
C LYS A 72 7.90 7.56 -6.40
N ILE A 73 8.31 6.49 -5.71
CA ILE A 73 9.26 5.49 -6.27
C ILE A 73 8.52 4.48 -7.18
N ASN A 74 7.16 4.57 -7.18
CA ASN A 74 6.27 3.78 -8.06
C ASN A 74 6.46 2.27 -7.83
N ALA A 75 6.34 1.89 -6.54
CA ALA A 75 6.52 0.50 -6.08
C ALA A 75 5.29 -0.37 -6.41
N LYS A 76 5.32 -1.62 -5.91
CA LYS A 76 4.33 -2.65 -6.23
C LYS A 76 2.95 -2.34 -5.61
N LEU A 77 1.99 -1.91 -6.46
CA LEU A 77 0.57 -1.84 -6.10
C LEU A 77 -0.05 -3.25 -6.19
N CYS A 78 -0.86 -3.56 -5.18
CA CYS A 78 -1.60 -4.82 -5.06
C CYS A 78 -3.09 -4.53 -5.14
N ASP A 79 -3.47 -3.36 -4.63
CA ASP A 79 -4.82 -2.81 -4.75
C ASP A 79 -5.09 -2.41 -6.22
N PRO A 80 -6.37 -2.52 -6.72
CA PRO A 80 -6.69 -2.29 -8.15
C PRO A 80 -6.38 -0.84 -8.59
N HIS A 81 -5.75 -0.72 -9.77
CA HIS A 81 -5.37 0.57 -10.37
C HIS A 81 -6.13 0.74 -11.71
N PRO A 82 -7.33 1.40 -11.71
CA PRO A 82 -8.04 1.76 -12.96
C PRO A 82 -7.23 2.80 -13.77
ZN ZN B . -1.75 -7.91 -1.30
N MET A 19 -3.96 20.69 -12.87
CA MET A 19 -4.60 19.41 -12.50
C MET A 19 -4.64 19.27 -10.97
N LYS A 20 -5.83 19.02 -10.41
CA LYS A 20 -6.00 18.74 -8.97
C LYS A 20 -5.46 17.34 -8.67
N ARG A 21 -4.94 17.16 -7.46
CA ARG A 21 -4.24 15.93 -7.04
C ARG A 21 -5.22 14.91 -6.42
N ALA A 22 -6.49 14.92 -6.91
CA ALA A 22 -7.55 14.02 -6.43
C ALA A 22 -7.28 12.56 -6.86
N ALA A 23 -6.93 12.39 -8.16
CA ALA A 23 -6.57 11.07 -8.73
C ALA A 23 -5.28 10.54 -8.11
N ALA A 24 -4.34 11.47 -7.82
CA ALA A 24 -3.07 11.18 -7.15
C ALA A 24 -3.29 10.80 -5.67
N LYS A 25 -4.30 11.45 -5.05
CA LYS A 25 -4.67 11.22 -3.63
C LYS A 25 -5.31 9.83 -3.46
N HIS A 26 -6.14 9.45 -4.46
CA HIS A 26 -6.72 8.10 -4.55
C HIS A 26 -5.62 7.05 -4.73
N LEU A 27 -4.63 7.37 -5.57
CA LEU A 27 -3.49 6.46 -5.86
C LEU A 27 -2.66 6.20 -4.57
N ILE A 28 -2.43 7.28 -3.80
CA ILE A 28 -1.77 7.21 -2.47
C ILE A 28 -2.66 6.43 -1.47
N GLU A 29 -3.99 6.61 -1.59
CA GLU A 29 -4.99 5.97 -0.72
C GLU A 29 -4.96 4.44 -0.91
N ARG A 30 -4.64 4.00 -2.15
CA ARG A 30 -4.52 2.57 -2.49
C ARG A 30 -3.21 1.99 -1.93
N TYR A 31 -2.12 2.80 -1.97
CA TYR A 31 -0.83 2.43 -1.35
C TYR A 31 -0.99 2.35 0.18
N TYR A 32 -1.73 3.30 0.77
CA TYR A 32 -1.99 3.36 2.23
C TYR A 32 -2.84 2.16 2.65
N HIS A 33 -3.82 1.82 1.79
CA HIS A 33 -4.67 0.64 1.97
C HIS A 33 -3.80 -0.61 1.99
N GLN A 34 -2.80 -0.65 1.09
CA GLN A 34 -1.85 -1.75 0.97
C GLN A 34 -1.04 -1.96 2.28
N LEU A 35 -0.56 -0.87 2.90
CA LEU A 35 0.21 -0.97 4.18
C LEU A 35 -0.69 -1.41 5.35
N THR A 36 -1.96 -0.92 5.39
CA THR A 36 -2.86 -1.13 6.54
C THR A 36 -3.69 -2.42 6.39
N GLU A 37 -4.58 -2.44 5.39
CA GLU A 37 -5.52 -3.56 5.17
C GLU A 37 -4.84 -4.69 4.35
N GLY A 38 -4.15 -4.30 3.28
CA GLY A 38 -3.57 -5.22 2.32
C GLY A 38 -4.50 -5.47 1.16
N CYS A 39 -5.06 -6.69 1.12
CA CYS A 39 -6.05 -7.10 0.09
C CYS A 39 -6.97 -8.22 0.60
N GLY A 40 -6.81 -8.63 1.88
CA GLY A 40 -7.59 -9.75 2.43
C GLY A 40 -6.92 -11.11 2.22
N ASN A 41 -6.17 -11.24 1.10
CA ASN A 41 -5.50 -12.50 0.68
C ASN A 41 -4.63 -13.12 1.79
N GLU A 42 -4.74 -14.44 1.95
CA GLU A 42 -3.84 -15.24 2.79
C GLU A 42 -2.48 -15.37 2.09
N ALA A 43 -2.51 -15.91 0.87
CA ALA A 43 -1.35 -16.01 -0.01
C ALA A 43 -1.29 -14.79 -0.95
N CYS A 44 -0.44 -13.82 -0.61
CA CYS A 44 -0.15 -12.64 -1.43
C CYS A 44 1.36 -12.39 -1.43
N THR A 45 2.00 -12.51 -2.61
CA THR A 45 3.46 -12.42 -2.76
C THR A 45 3.90 -10.96 -3.06
N ASN A 46 3.56 -10.06 -2.11
CA ASN A 46 3.91 -8.63 -2.18
C ASN A 46 4.50 -8.20 -0.82
N GLU A 47 5.76 -7.74 -0.88
CA GLU A 47 6.59 -7.38 0.29
C GLU A 47 6.08 -6.15 1.06
N PHE A 48 5.35 -5.27 0.35
CA PHE A 48 4.82 -4.00 0.91
C PHE A 48 3.32 -4.12 1.29
N CYS A 49 2.76 -5.34 1.18
CA CYS A 49 1.30 -5.56 1.37
C CYS A 49 1.02 -6.20 2.72
N ALA A 50 0.01 -5.69 3.42
CA ALA A 50 -0.44 -6.23 4.70
C ALA A 50 -1.25 -7.50 4.47
N SER A 51 -1.34 -8.34 5.52
CA SER A 51 -1.92 -9.70 5.45
C SER A 51 -1.04 -10.63 4.57
N CYS A 52 0.24 -10.22 4.31
CA CYS A 52 1.22 -11.05 3.60
C CYS A 52 2.35 -11.46 4.57
N PRO A 53 2.94 -12.70 4.41
CA PRO A 53 4.03 -13.19 5.31
C PRO A 53 5.38 -12.46 5.08
N THR A 54 5.44 -11.65 4.01
CA THR A 54 6.64 -10.88 3.62
C THR A 54 6.57 -9.43 4.15
N PHE A 55 5.53 -9.12 4.94
CA PHE A 55 5.35 -7.77 5.54
C PHE A 55 5.05 -7.91 7.05
N LEU A 56 5.69 -7.03 7.85
CA LEU A 56 5.53 -7.00 9.32
C LEU A 56 4.59 -5.86 9.72
N ARG A 57 4.04 -5.96 10.95
CA ARG A 57 3.10 -4.97 11.50
C ARG A 57 3.84 -3.64 11.80
N MET A 58 3.31 -2.55 11.26
CA MET A 58 3.90 -1.19 11.36
C MET A 58 3.12 -0.31 12.35
N ASP A 59 3.43 1.01 12.34
CA ASP A 59 2.66 2.04 13.06
C ASP A 59 1.84 2.85 12.05
N ASN A 60 0.80 3.55 12.53
CA ASN A 60 -0.12 4.36 11.70
C ASN A 60 0.63 5.46 10.91
N ASN A 61 1.61 6.10 11.58
CA ASN A 61 2.45 7.15 10.99
C ASN A 61 3.40 6.54 9.94
N ALA A 62 3.91 5.33 10.26
CA ALA A 62 4.83 4.59 9.38
C ALA A 62 4.12 4.14 8.09
N ALA A 63 2.82 3.82 8.21
CA ALA A 63 1.95 3.43 7.09
C ALA A 63 1.70 4.62 6.16
N ALA A 64 1.54 5.81 6.78
CA ALA A 64 1.31 7.06 6.04
C ALA A 64 2.56 7.50 5.25
N ILE A 65 3.73 7.46 5.92
CA ILE A 65 5.03 7.79 5.30
C ILE A 65 5.32 6.83 4.15
N LYS A 66 5.19 5.52 4.42
CA LYS A 66 5.52 4.47 3.44
C LYS A 66 4.54 4.50 2.25
N ALA A 67 3.29 4.96 2.49
CA ALA A 67 2.29 5.17 1.41
C ALA A 67 2.81 6.20 0.39
N LEU A 68 3.35 7.30 0.93
CA LEU A 68 3.95 8.38 0.12
C LEU A 68 5.26 7.92 -0.55
N GLU A 69 6.07 7.10 0.17
CA GLU A 69 7.32 6.54 -0.36
C GLU A 69 7.04 5.68 -1.60
N LEU A 70 6.14 4.68 -1.43
CA LEU A 70 5.77 3.71 -2.47
C LEU A 70 5.16 4.39 -3.69
N TYR A 71 4.44 5.49 -3.45
CA TYR A 71 3.87 6.32 -4.51
C TYR A 71 4.98 6.94 -5.38
N LYS A 72 5.89 7.68 -4.72
CA LYS A 72 6.88 8.51 -5.44
C LYS A 72 8.07 7.69 -5.99
N ILE A 73 8.26 6.45 -5.51
CA ILE A 73 9.30 5.53 -6.05
C ILE A 73 8.69 4.62 -7.14
N ASN A 74 7.34 4.56 -7.19
CA ASN A 74 6.58 3.67 -8.10
C ASN A 74 6.87 2.20 -7.76
N ALA A 75 6.39 1.79 -6.57
CA ALA A 75 6.53 0.41 -6.07
C ALA A 75 5.37 -0.48 -6.56
N LYS A 76 5.45 -1.77 -6.21
CA LYS A 76 4.44 -2.79 -6.55
C LYS A 76 3.13 -2.53 -5.76
N LEU A 77 2.14 -1.92 -6.46
CA LEU A 77 0.80 -1.67 -5.91
C LEU A 77 -0.08 -2.92 -6.09
N CYS A 78 -0.74 -3.34 -5.00
CA CYS A 78 -1.54 -4.57 -4.95
C CYS A 78 -3.03 -4.26 -5.18
N ASP A 79 -3.46 -3.06 -4.74
CA ASP A 79 -4.82 -2.55 -5.01
C ASP A 79 -4.93 -2.14 -6.50
N PRO A 80 -5.90 -2.73 -7.28
CA PRO A 80 -6.04 -2.44 -8.73
C PRO A 80 -6.28 -0.95 -9.00
N HIS A 81 -5.24 -0.26 -9.52
CA HIS A 81 -5.31 1.19 -9.81
C HIS A 81 -6.24 1.46 -11.01
N PRO A 82 -7.09 2.55 -10.96
CA PRO A 82 -8.05 2.89 -12.05
C PRO A 82 -7.36 3.13 -13.41
ZN ZN B . -1.89 -8.05 -1.49
N MET A 19 0.29 14.65 -12.56
CA MET A 19 -0.18 16.02 -12.89
C MET A 19 -1.45 16.34 -12.10
N LYS A 20 -2.43 15.41 -12.13
CA LYS A 20 -3.75 15.59 -11.52
C LYS A 20 -3.73 15.12 -10.06
N ARG A 21 -3.84 16.09 -9.12
CA ARG A 21 -3.67 15.89 -7.67
C ARG A 21 -4.78 15.03 -7.05
N ALA A 22 -5.94 14.92 -7.74
CA ALA A 22 -7.08 14.09 -7.29
C ALA A 22 -6.74 12.59 -7.41
N ALA A 23 -6.21 12.21 -8.59
CA ALA A 23 -5.72 10.83 -8.86
C ALA A 23 -4.54 10.49 -7.95
N ALA A 24 -3.68 11.50 -7.72
CA ALA A 24 -2.48 11.41 -6.87
C ALA A 24 -2.87 11.10 -5.41
N LYS A 25 -3.86 11.85 -4.89
CA LYS A 25 -4.40 11.69 -3.52
C LYS A 25 -4.93 10.26 -3.30
N HIS A 26 -5.76 9.81 -4.25
CA HIS A 26 -6.42 8.49 -4.19
C HIS A 26 -5.39 7.36 -4.32
N LEU A 27 -4.30 7.60 -5.09
CA LEU A 27 -3.20 6.63 -5.27
C LEU A 27 -2.46 6.41 -3.94
N ILE A 28 -2.16 7.51 -3.24
CA ILE A 28 -1.53 7.48 -1.89
C ILE A 28 -2.42 6.67 -0.92
N GLU A 29 -3.76 6.85 -1.05
CA GLU A 29 -4.76 6.14 -0.23
C GLU A 29 -4.85 4.63 -0.59
N ARG A 30 -4.55 4.28 -1.85
CA ARG A 30 -4.53 2.86 -2.31
C ARG A 30 -3.34 2.13 -1.68
N TYR A 31 -2.17 2.78 -1.70
CA TYR A 31 -0.95 2.28 -1.05
C TYR A 31 -1.12 2.24 0.48
N TYR A 32 -1.77 3.29 1.04
CA TYR A 32 -2.02 3.40 2.50
C TYR A 32 -2.90 2.24 2.99
N HIS A 33 -3.95 1.96 2.21
CA HIS A 33 -4.87 0.83 2.41
C HIS A 33 -4.09 -0.49 2.35
N GLN A 34 -3.09 -0.55 1.47
CA GLN A 34 -2.27 -1.75 1.25
C GLN A 34 -1.35 -2.06 2.46
N LEU A 35 -0.91 -1.03 3.22
CA LEU A 35 -0.09 -1.26 4.45
C LEU A 35 -0.95 -1.51 5.69
N THR A 36 -2.08 -0.79 5.80
CA THR A 36 -2.94 -0.86 7.01
C THR A 36 -3.79 -2.16 7.04
N GLU A 37 -4.32 -2.53 5.87
CA GLU A 37 -5.22 -3.68 5.71
C GLU A 37 -4.58 -4.75 4.82
N GLY A 38 -4.20 -4.34 3.60
CA GLY A 38 -3.57 -5.25 2.62
C GLY A 38 -4.38 -5.34 1.35
N CYS A 39 -4.81 -6.56 1.02
CA CYS A 39 -5.62 -6.84 -0.18
C CYS A 39 -6.57 -8.04 0.02
N GLY A 40 -6.57 -8.63 1.23
CA GLY A 40 -7.37 -9.83 1.51
C GLY A 40 -6.63 -11.12 1.15
N ASN A 41 -5.95 -11.07 -0.02
CA ASN A 41 -5.02 -12.12 -0.46
C ASN A 41 -3.87 -12.28 0.56
N GLU A 42 -3.93 -13.38 1.33
CA GLU A 42 -2.88 -13.76 2.30
C GLU A 42 -1.64 -14.30 1.57
N ALA A 43 -1.89 -15.01 0.46
CA ALA A 43 -0.83 -15.55 -0.43
C ALA A 43 -0.43 -14.47 -1.44
N CYS A 44 0.09 -13.36 -0.92
CA CYS A 44 0.47 -12.18 -1.69
C CYS A 44 2.00 -11.98 -1.64
N THR A 45 2.66 -12.03 -2.81
CA THR A 45 4.13 -11.92 -2.92
C THR A 45 4.58 -10.44 -3.03
N ASN A 46 4.23 -9.65 -2.00
CA ASN A 46 4.59 -8.23 -1.92
C ASN A 46 4.91 -7.87 -0.45
N GLU A 47 6.20 -7.55 -0.19
CA GLU A 47 6.69 -7.12 1.14
C GLU A 47 6.06 -5.78 1.58
N PHE A 48 5.67 -4.97 0.56
CA PHE A 48 5.05 -3.64 0.75
C PHE A 48 3.52 -3.77 0.88
N CYS A 49 3.06 -4.82 1.57
CA CYS A 49 1.64 -5.17 1.65
C CYS A 49 1.34 -5.94 2.92
N ALA A 50 0.20 -5.62 3.54
CA ALA A 50 -0.30 -6.30 4.73
C ALA A 50 -1.07 -7.56 4.33
N SER A 51 -1.28 -8.45 5.32
CA SER A 51 -1.86 -9.80 5.14
C SER A 51 -0.86 -10.75 4.42
N CYS A 52 0.36 -10.25 4.10
CA CYS A 52 1.42 -11.02 3.44
C CYS A 52 2.36 -11.63 4.51
N PRO A 53 2.93 -12.86 4.27
CA PRO A 53 3.92 -13.50 5.17
C PRO A 53 5.18 -12.62 5.39
N THR A 54 5.49 -11.83 4.34
CA THR A 54 6.67 -10.97 4.27
C THR A 54 6.41 -9.56 4.86
N PHE A 55 5.29 -9.40 5.61
CA PHE A 55 4.93 -8.11 6.25
C PHE A 55 5.20 -8.17 7.76
N LEU A 56 5.81 -7.10 8.29
CA LEU A 56 5.95 -6.85 9.74
C LEU A 56 5.01 -5.69 10.12
N ARG A 57 4.44 -5.74 11.34
CA ARG A 57 3.50 -4.72 11.84
C ARG A 57 4.21 -3.37 12.00
N MET A 58 3.76 -2.39 11.21
CA MET A 58 4.19 -0.99 11.27
C MET A 58 3.01 -0.14 11.77
N ASP A 59 3.34 1.07 12.26
CA ASP A 59 2.32 2.03 12.75
C ASP A 59 1.53 2.63 11.59
N ASN A 60 0.42 3.31 11.91
CA ASN A 60 -0.47 3.96 10.91
C ASN A 60 0.21 5.22 10.31
N ASN A 61 1.02 5.90 11.14
CA ASN A 61 1.87 7.03 10.67
C ASN A 61 3.04 6.50 9.82
N ALA A 62 3.55 5.31 10.19
CA ALA A 62 4.60 4.60 9.42
C ALA A 62 4.03 4.12 8.07
N ALA A 63 2.74 3.76 8.07
CA ALA A 63 2.01 3.31 6.88
C ALA A 63 1.67 4.50 5.97
N ALA A 64 1.52 5.70 6.57
CA ALA A 64 1.32 6.97 5.84
C ALA A 64 2.60 7.38 5.11
N ILE A 65 3.74 7.26 5.82
CA ILE A 65 5.07 7.46 5.24
C ILE A 65 5.29 6.46 4.08
N LYS A 66 4.95 5.18 4.34
CA LYS A 66 5.14 4.09 3.38
C LYS A 66 4.22 4.26 2.16
N ALA A 67 3.04 4.87 2.38
CA ALA A 67 2.09 5.22 1.30
C ALA A 67 2.74 6.17 0.29
N LEU A 68 3.45 7.19 0.82
CA LEU A 68 4.23 8.16 -0.01
C LEU A 68 5.48 7.49 -0.63
N GLU A 69 6.10 6.53 0.09
CA GLU A 69 7.26 5.75 -0.42
C GLU A 69 6.88 5.00 -1.70
N LEU A 70 5.79 4.24 -1.59
CA LEU A 70 5.30 3.37 -2.68
C LEU A 70 4.66 4.18 -3.79
N TYR A 71 4.17 5.38 -3.45
CA TYR A 71 3.60 6.33 -4.40
C TYR A 71 4.67 6.82 -5.40
N LYS A 72 5.81 7.30 -4.84
CA LYS A 72 6.86 7.94 -5.65
C LYS A 72 7.69 6.90 -6.43
N ILE A 73 7.93 5.71 -5.84
CA ILE A 73 8.66 4.61 -6.53
C ILE A 73 7.70 3.78 -7.42
N ASN A 74 6.37 3.99 -7.21
CA ASN A 74 5.29 3.28 -7.93
C ASN A 74 5.43 1.75 -7.74
N ALA A 75 5.40 1.34 -6.46
CA ALA A 75 5.58 -0.07 -6.05
C ALA A 75 4.34 -0.92 -6.37
N LYS A 76 4.44 -2.23 -6.05
CA LYS A 76 3.43 -3.25 -6.40
C LYS A 76 2.08 -2.95 -5.73
N LEU A 77 1.17 -2.35 -6.51
CA LEU A 77 -0.19 -2.03 -6.05
C LEU A 77 -1.14 -3.19 -6.38
N CYS A 78 -1.84 -3.69 -5.36
CA CYS A 78 -2.68 -4.90 -5.45
C CYS A 78 -4.12 -4.62 -5.93
N ASP A 79 -4.41 -3.38 -6.37
CA ASP A 79 -5.74 -3.00 -6.89
C ASP A 79 -5.98 -3.59 -8.30
N PRO A 80 -7.24 -4.09 -8.59
CA PRO A 80 -7.63 -4.66 -9.92
C PRO A 80 -7.34 -3.72 -11.12
N HIS A 81 -6.81 -4.29 -12.20
CA HIS A 81 -6.40 -3.52 -13.41
C HIS A 81 -7.46 -3.69 -14.53
N PRO A 82 -7.85 -2.57 -15.26
CA PRO A 82 -8.86 -2.63 -16.36
C PRO A 82 -8.36 -3.41 -17.60
ZN ZN B . -1.21 -7.56 -1.56
N MET A 19 -1.51 15.71 -12.26
CA MET A 19 -2.25 16.99 -12.33
C MET A 19 -3.54 16.93 -11.49
N LYS A 20 -4.17 15.73 -11.45
CA LYS A 20 -5.43 15.49 -10.75
C LYS A 20 -5.12 14.96 -9.33
N ARG A 21 -5.27 15.84 -8.33
CA ARG A 21 -4.95 15.56 -6.92
C ARG A 21 -5.94 14.53 -6.31
N ALA A 22 -7.08 14.29 -6.97
CA ALA A 22 -8.04 13.26 -6.57
C ALA A 22 -7.52 11.87 -6.94
N ALA A 23 -6.95 11.77 -8.16
CA ALA A 23 -6.30 10.52 -8.66
C ALA A 23 -5.01 10.25 -7.89
N ALA A 24 -4.30 11.33 -7.52
CA ALA A 24 -3.09 11.27 -6.70
C ALA A 24 -3.42 10.80 -5.28
N LYS A 25 -4.49 11.38 -4.69
CA LYS A 25 -4.94 11.05 -3.32
C LYS A 25 -5.41 9.59 -3.24
N HIS A 26 -6.14 9.15 -4.28
CA HIS A 26 -6.63 7.76 -4.40
C HIS A 26 -5.47 6.78 -4.62
N LEU A 27 -4.42 7.22 -5.32
CA LEU A 27 -3.22 6.39 -5.57
C LEU A 27 -2.45 6.15 -4.24
N ILE A 28 -2.29 7.24 -3.47
CA ILE A 28 -1.70 7.21 -2.13
C ILE A 28 -2.61 6.40 -1.17
N GLU A 29 -3.94 6.50 -1.41
CA GLU A 29 -4.97 5.78 -0.63
C GLU A 29 -4.78 4.28 -0.82
N ARG A 30 -4.51 3.86 -2.06
CA ARG A 30 -4.33 2.44 -2.40
C ARG A 30 -3.05 1.87 -1.79
N TYR A 31 -2.00 2.70 -1.68
CA TYR A 31 -0.73 2.31 -1.03
C TYR A 31 -0.91 2.20 0.51
N TYR A 32 -1.64 3.17 1.10
CA TYR A 32 -1.90 3.21 2.57
C TYR A 32 -2.84 2.05 2.96
N HIS A 33 -3.83 1.81 2.09
CA HIS A 33 -4.80 0.72 2.21
C HIS A 33 -4.07 -0.61 2.12
N GLN A 34 -3.10 -0.67 1.20
CA GLN A 34 -2.26 -1.84 0.96
C GLN A 34 -1.46 -2.21 2.22
N LEU A 35 -1.01 -1.19 2.97
CA LEU A 35 -0.23 -1.39 4.22
C LEU A 35 -1.13 -1.85 5.39
N THR A 36 -2.30 -1.21 5.53
CA THR A 36 -3.21 -1.43 6.69
C THR A 36 -4.04 -2.72 6.51
N GLU A 37 -4.80 -2.75 5.42
CA GLU A 37 -5.78 -3.82 5.14
C GLU A 37 -5.18 -4.88 4.20
N GLY A 38 -4.48 -4.42 3.15
CA GLY A 38 -3.87 -5.29 2.15
C GLY A 38 -4.74 -5.44 0.92
N CYS A 39 -5.28 -6.65 0.74
CA CYS A 39 -6.14 -6.99 -0.42
C CYS A 39 -7.03 -8.21 -0.15
N GLY A 40 -7.05 -8.68 1.12
CA GLY A 40 -7.82 -9.88 1.49
C GLY A 40 -7.07 -11.19 1.27
N ASN A 41 -6.20 -11.22 0.23
CA ASN A 41 -5.46 -12.42 -0.23
C ASN A 41 -4.65 -13.07 0.90
N GLU A 42 -5.10 -14.28 1.32
CA GLU A 42 -4.47 -15.12 2.35
C GLU A 42 -2.96 -15.31 2.10
N ALA A 43 -2.64 -15.81 0.89
CA ALA A 43 -1.24 -16.12 0.49
C ALA A 43 -0.73 -15.06 -0.51
N CYS A 44 -0.91 -13.77 -0.16
CA CYS A 44 -0.43 -12.65 -0.99
C CYS A 44 1.12 -12.58 -0.99
N THR A 45 1.71 -12.28 -2.16
CA THR A 45 3.16 -12.20 -2.36
C THR A 45 3.59 -10.74 -2.70
N ASN A 46 3.67 -9.91 -1.65
CA ASN A 46 4.24 -8.56 -1.72
C ASN A 46 4.56 -8.06 -0.30
N GLU A 47 5.84 -7.73 -0.06
CA GLU A 47 6.36 -7.32 1.25
C GLU A 47 5.81 -5.94 1.70
N PHE A 48 5.23 -5.20 0.74
CA PHE A 48 4.61 -3.86 0.99
C PHE A 48 3.08 -3.97 1.12
N CYS A 49 2.56 -5.20 1.30
CA CYS A 49 1.11 -5.47 1.35
C CYS A 49 0.77 -6.27 2.61
N ALA A 50 -0.31 -5.89 3.30
CA ALA A 50 -0.84 -6.63 4.46
C ALA A 50 -1.52 -7.90 3.98
N SER A 51 -1.69 -8.86 4.92
CA SER A 51 -2.14 -10.24 4.64
C SER A 51 -1.06 -11.02 3.82
N CYS A 52 0.17 -10.45 3.73
CA CYS A 52 1.36 -11.15 3.22
C CYS A 52 2.23 -11.61 4.41
N PRO A 53 2.83 -12.84 4.36
CA PRO A 53 3.76 -13.34 5.41
C PRO A 53 5.06 -12.49 5.49
N THR A 54 5.45 -11.90 4.35
CA THR A 54 6.69 -11.10 4.21
C THR A 54 6.51 -9.62 4.63
N PHE A 55 5.28 -9.25 5.01
CA PHE A 55 4.96 -7.87 5.41
C PHE A 55 5.42 -7.59 6.85
N LEU A 56 6.22 -6.54 7.02
CA LEU A 56 6.58 -6.00 8.34
C LEU A 56 5.50 -5.00 8.76
N ARG A 57 4.80 -5.28 9.89
CA ARG A 57 3.75 -4.39 10.43
C ARG A 57 4.36 -3.07 10.92
N MET A 58 3.51 -2.04 10.94
CA MET A 58 3.92 -0.63 11.07
C MET A 58 3.00 0.15 12.02
N ASP A 59 3.45 1.37 12.36
CA ASP A 59 2.62 2.38 13.05
C ASP A 59 1.84 3.20 11.99
N ASN A 60 0.83 4.00 12.44
CA ASN A 60 -0.01 4.83 11.52
C ASN A 60 0.84 5.92 10.83
N ASN A 61 1.82 6.47 11.56
CA ASN A 61 2.76 7.47 11.02
C ASN A 61 3.72 6.81 10.03
N ALA A 62 4.18 5.59 10.40
CA ALA A 62 5.08 4.78 9.55
C ALA A 62 4.40 4.40 8.23
N ALA A 63 3.08 4.12 8.30
CA ALA A 63 2.24 3.75 7.15
C ALA A 63 1.99 4.96 6.25
N ALA A 64 1.84 6.14 6.87
CA ALA A 64 1.64 7.41 6.16
C ALA A 64 2.87 7.75 5.30
N ILE A 65 4.06 7.70 5.95
CA ILE A 65 5.36 7.91 5.29
C ILE A 65 5.56 6.88 4.17
N LYS A 66 5.37 5.59 4.53
CA LYS A 66 5.66 4.44 3.67
C LYS A 66 4.81 4.51 2.39
N ALA A 67 3.52 4.89 2.54
CA ALA A 67 2.58 5.03 1.41
C ALA A 67 3.06 6.09 0.41
N LEU A 68 3.55 7.22 0.95
CA LEU A 68 4.13 8.31 0.13
C LEU A 68 5.45 7.87 -0.55
N GLU A 69 6.25 7.04 0.15
CA GLU A 69 7.54 6.54 -0.39
C GLU A 69 7.29 5.58 -1.55
N LEU A 70 6.33 4.66 -1.36
CA LEU A 70 5.92 3.69 -2.39
C LEU A 70 5.24 4.40 -3.58
N TYR A 71 4.62 5.56 -3.31
CA TYR A 71 3.96 6.38 -4.32
C TYR A 71 4.99 7.08 -5.24
N LYS A 72 5.98 7.74 -4.63
CA LYS A 72 6.98 8.55 -5.36
C LYS A 72 7.96 7.67 -6.16
N ILE A 73 8.30 6.48 -5.64
CA ILE A 73 9.18 5.51 -6.34
C ILE A 73 8.36 4.66 -7.32
N ASN A 74 7.03 4.62 -7.11
CA ASN A 74 6.08 3.78 -7.87
C ASN A 74 6.46 2.29 -7.69
N ALA A 75 6.24 1.79 -6.47
CA ALA A 75 6.54 0.41 -6.07
C ALA A 75 5.41 -0.55 -6.47
N LYS A 76 5.49 -1.80 -5.97
CA LYS A 76 4.50 -2.85 -6.25
C LYS A 76 3.15 -2.49 -5.60
N LEU A 77 2.26 -1.90 -6.42
CA LEU A 77 0.90 -1.54 -6.00
C LEU A 77 -0.01 -2.75 -6.21
N CYS A 78 -0.37 -3.41 -5.10
CA CYS A 78 -1.21 -4.61 -5.09
C CYS A 78 -2.69 -4.20 -5.17
N ASP A 79 -3.16 -4.03 -6.42
CA ASP A 79 -4.50 -3.49 -6.74
C ASP A 79 -5.60 -4.55 -6.55
N PRO A 80 -6.91 -4.12 -6.42
CA PRO A 80 -8.06 -5.04 -6.46
C PRO A 80 -8.30 -5.53 -7.91
N HIS A 81 -8.00 -6.82 -8.16
CA HIS A 81 -8.09 -7.44 -9.49
C HIS A 81 -9.16 -8.55 -9.46
N PRO A 82 -9.84 -8.86 -10.63
CA PRO A 82 -10.91 -9.90 -10.70
C PRO A 82 -10.40 -11.32 -10.30
ZN ZN B . -1.83 -8.02 -1.68
N MET A 19 0.42 18.53 -5.01
CA MET A 19 0.13 17.13 -5.45
C MET A 19 -1.21 16.61 -4.88
N LYS A 20 -2.05 17.51 -4.31
CA LYS A 20 -3.38 17.15 -3.78
C LYS A 20 -4.43 17.16 -4.92
N ARG A 21 -4.43 16.09 -5.71
CA ARG A 21 -5.48 15.79 -6.71
C ARG A 21 -6.27 14.57 -6.22
N ALA A 22 -7.53 14.41 -6.66
CA ALA A 22 -8.38 13.28 -6.27
C ALA A 22 -7.73 11.93 -6.61
N ALA A 23 -7.30 11.77 -7.88
CA ALA A 23 -6.64 10.53 -8.38
C ALA A 23 -5.26 10.30 -7.72
N ALA A 24 -4.58 11.41 -7.36
CA ALA A 24 -3.28 11.36 -6.67
C ALA A 24 -3.44 10.78 -5.26
N LYS A 25 -4.45 11.31 -4.54
CA LYS A 25 -4.80 10.89 -3.17
C LYS A 25 -5.42 9.49 -3.16
N HIS A 26 -6.06 9.11 -4.27
CA HIS A 26 -6.61 7.75 -4.45
C HIS A 26 -5.47 6.73 -4.62
N LEU A 27 -4.40 7.15 -5.33
CA LEU A 27 -3.20 6.31 -5.56
C LEU A 27 -2.38 6.19 -4.25
N ILE A 28 -2.38 7.27 -3.46
CA ILE A 28 -1.81 7.28 -2.09
C ILE A 28 -2.62 6.34 -1.19
N GLU A 29 -3.96 6.37 -1.36
CA GLU A 29 -4.90 5.49 -0.64
C GLU A 29 -4.70 4.02 -1.06
N ARG A 30 -4.27 3.80 -2.31
CA ARG A 30 -3.96 2.45 -2.81
C ARG A 30 -2.79 1.85 -2.01
N TYR A 31 -1.69 2.65 -1.88
CA TYR A 31 -0.47 2.22 -1.15
C TYR A 31 -0.66 2.22 0.39
N TYR A 32 -1.49 3.15 0.90
CA TYR A 32 -1.72 3.27 2.36
C TYR A 32 -2.60 2.12 2.87
N HIS A 33 -3.71 1.89 2.14
CA HIS A 33 -4.64 0.79 2.43
C HIS A 33 -3.96 -0.56 2.14
N GLN A 34 -2.94 -0.54 1.25
CA GLN A 34 -2.07 -1.69 0.99
C GLN A 34 -1.22 -2.02 2.23
N LEU A 35 -0.79 -1.00 2.97
CA LEU A 35 0.04 -1.18 4.20
C LEU A 35 -0.81 -1.50 5.45
N THR A 36 -2.09 -1.08 5.46
CA THR A 36 -2.98 -1.28 6.62
C THR A 36 -3.67 -2.66 6.59
N GLU A 37 -4.37 -2.97 5.48
CA GLU A 37 -5.13 -4.25 5.33
C GLU A 37 -4.63 -5.09 4.13
N GLY A 38 -4.06 -4.42 3.13
CA GLY A 38 -3.41 -5.08 1.99
C GLY A 38 -4.36 -5.29 0.83
N CYS A 39 -4.70 -6.56 0.60
CA CYS A 39 -5.75 -6.99 -0.34
C CYS A 39 -6.56 -8.13 0.30
N GLY A 40 -6.36 -8.35 1.62
CA GLY A 40 -7.10 -9.37 2.38
C GLY A 40 -6.48 -10.77 2.27
N ASN A 41 -6.34 -11.26 1.02
CA ASN A 41 -5.81 -12.60 0.71
C ASN A 41 -4.38 -12.78 1.24
N GLU A 42 -4.16 -13.88 1.99
CA GLU A 42 -2.86 -14.23 2.58
C GLU A 42 -1.93 -14.86 1.54
N ALA A 43 -2.54 -15.38 0.45
CA ALA A 43 -1.83 -15.83 -0.75
C ALA A 43 -1.48 -14.62 -1.62
N CYS A 44 -0.50 -13.84 -1.12
CA CYS A 44 -0.02 -12.60 -1.73
C CYS A 44 1.50 -12.46 -1.50
N THR A 45 2.28 -12.48 -2.60
CA THR A 45 3.76 -12.45 -2.57
C THR A 45 4.31 -11.03 -2.25
N ASN A 46 3.48 -9.99 -2.44
CA ASN A 46 3.88 -8.58 -2.22
C ASN A 46 4.12 -8.33 -0.70
N GLU A 47 5.40 -8.13 -0.33
CA GLU A 47 5.83 -7.90 1.08
C GLU A 47 5.52 -6.48 1.59
N PHE A 48 5.17 -5.57 0.65
CA PHE A 48 4.72 -4.19 0.98
C PHE A 48 3.18 -4.15 1.13
N CYS A 49 2.57 -5.32 1.36
CA CYS A 49 1.12 -5.51 1.39
C CYS A 49 0.76 -6.27 2.67
N ALA A 50 -0.11 -5.67 3.51
CA ALA A 50 -0.60 -6.29 4.74
C ALA A 50 -1.47 -7.50 4.43
N SER A 51 -1.61 -8.38 5.45
CA SER A 51 -2.24 -9.72 5.34
C SER A 51 -1.35 -10.70 4.53
N CYS A 52 -0.15 -10.26 4.09
CA CYS A 52 0.86 -11.16 3.50
C CYS A 52 1.73 -11.72 4.64
N PRO A 53 2.16 -13.03 4.58
CA PRO A 53 2.93 -13.69 5.67
C PRO A 53 4.40 -13.19 5.75
N THR A 54 4.83 -12.36 4.79
CA THR A 54 6.16 -11.73 4.75
C THR A 54 6.14 -10.28 5.29
N PHE A 55 4.93 -9.69 5.36
CA PHE A 55 4.72 -8.31 5.82
C PHE A 55 4.89 -8.19 7.35
N LEU A 56 5.53 -7.10 7.81
CA LEU A 56 5.62 -6.75 9.24
C LEU A 56 4.81 -5.48 9.50
N ARG A 57 4.16 -5.44 10.67
CA ARG A 57 3.26 -4.35 11.09
C ARG A 57 4.00 -3.01 11.23
N MET A 58 3.28 -1.91 11.00
CA MET A 58 3.83 -0.54 11.08
C MET A 58 2.80 0.39 11.72
N ASP A 59 3.32 1.49 12.29
CA ASP A 59 2.51 2.53 12.96
C ASP A 59 1.67 3.30 11.91
N ASN A 60 0.64 4.02 12.38
CA ASN A 60 -0.22 4.92 11.55
C ASN A 60 0.63 5.90 10.71
N ASN A 61 1.56 6.56 11.40
CA ASN A 61 2.46 7.57 10.82
C ASN A 61 3.52 6.91 9.92
N ALA A 62 4.02 5.73 10.35
CA ALA A 62 5.02 4.95 9.58
C ALA A 62 4.43 4.42 8.25
N ALA A 63 3.12 4.11 8.29
CA ALA A 63 2.35 3.64 7.12
C ALA A 63 2.07 4.81 6.16
N ALA A 64 1.82 6.00 6.73
CA ALA A 64 1.59 7.24 5.97
C ALA A 64 2.85 7.65 5.18
N ILE A 65 4.02 7.54 5.86
CA ILE A 65 5.33 7.84 5.26
C ILE A 65 5.62 6.84 4.13
N LYS A 66 5.54 5.53 4.47
CA LYS A 66 5.88 4.43 3.54
C LYS A 66 4.91 4.40 2.33
N ALA A 67 3.67 4.86 2.53
CA ALA A 67 2.66 5.00 1.45
C ALA A 67 3.12 6.01 0.41
N LEU A 68 3.56 7.17 0.91
CA LEU A 68 4.09 8.27 0.06
C LEU A 68 5.44 7.89 -0.57
N GLU A 69 6.22 7.01 0.11
CA GLU A 69 7.49 6.48 -0.43
C GLU A 69 7.22 5.58 -1.65
N LEU A 70 6.28 4.64 -1.47
CA LEU A 70 5.86 3.70 -2.54
C LEU A 70 5.14 4.45 -3.68
N TYR A 71 4.53 5.60 -3.35
CA TYR A 71 3.83 6.47 -4.31
C TYR A 71 4.84 7.21 -5.22
N LYS A 72 5.85 7.85 -4.60
CA LYS A 72 6.82 8.70 -5.32
C LYS A 72 7.75 7.88 -6.23
N ILE A 73 8.15 6.68 -5.74
CA ILE A 73 9.02 5.75 -6.49
C ILE A 73 8.21 4.95 -7.53
N ASN A 74 6.86 4.91 -7.32
CA ASN A 74 5.90 4.11 -8.12
C ASN A 74 6.30 2.62 -8.03
N ALA A 75 6.08 2.07 -6.83
CA ALA A 75 6.43 0.68 -6.47
C ALA A 75 5.42 -0.33 -7.03
N LYS A 76 5.64 -1.60 -6.65
CA LYS A 76 4.71 -2.71 -6.95
C LYS A 76 3.37 -2.49 -6.22
N LEU A 77 2.40 -1.90 -6.96
CA LEU A 77 1.06 -1.66 -6.44
C LEU A 77 0.20 -2.93 -6.60
N CYS A 78 -0.30 -3.44 -5.46
CA CYS A 78 -1.01 -4.71 -5.40
C CYS A 78 -2.49 -4.54 -5.79
N ASP A 79 -2.92 -5.35 -6.77
CA ASP A 79 -4.31 -5.37 -7.23
C ASP A 79 -5.23 -6.07 -6.22
N PRO A 80 -6.54 -5.65 -6.14
CA PRO A 80 -7.59 -6.45 -5.45
C PRO A 80 -7.78 -7.83 -6.11
N HIS A 81 -7.97 -8.88 -5.30
CA HIS A 81 -8.15 -10.25 -5.81
C HIS A 81 -9.56 -10.42 -6.46
N PRO A 82 -9.64 -10.75 -7.79
CA PRO A 82 -10.92 -11.07 -8.46
C PRO A 82 -11.27 -12.59 -8.31
ZN ZN B . -1.67 -8.00 -1.81
N MET A 19 -0.13 12.82 -13.82
CA MET A 19 -0.20 13.73 -12.64
C MET A 19 -1.56 14.45 -12.63
N LYS A 20 -2.42 14.04 -11.69
CA LYS A 20 -3.72 14.67 -11.42
C LYS A 20 -4.06 14.44 -9.94
N ARG A 21 -4.65 15.45 -9.28
CA ARG A 21 -4.83 15.47 -7.80
C ARG A 21 -5.83 14.39 -7.35
N ALA A 22 -6.82 14.08 -8.20
CA ALA A 22 -7.80 13.01 -7.97
C ALA A 22 -7.10 11.64 -7.96
N ALA A 23 -6.27 11.39 -8.99
CA ALA A 23 -5.48 10.15 -9.14
C ALA A 23 -4.40 10.04 -8.05
N ALA A 24 -3.88 11.20 -7.60
CA ALA A 24 -2.85 11.29 -6.57
C ALA A 24 -3.42 10.82 -5.23
N LYS A 25 -4.60 11.37 -4.89
CA LYS A 25 -5.36 11.01 -3.68
C LYS A 25 -5.66 9.50 -3.66
N HIS A 26 -6.24 9.00 -4.77
CA HIS A 26 -6.63 7.59 -4.92
C HIS A 26 -5.42 6.66 -4.74
N LEU A 27 -4.29 7.00 -5.38
CA LEU A 27 -3.06 6.16 -5.34
C LEU A 27 -2.40 6.17 -3.95
N ILE A 28 -2.41 7.32 -3.27
CA ILE A 28 -1.90 7.41 -1.88
C ILE A 28 -2.77 6.55 -0.94
N GLU A 29 -4.09 6.56 -1.20
CA GLU A 29 -5.08 5.71 -0.50
C GLU A 29 -4.86 4.22 -0.82
N ARG A 30 -4.44 3.92 -2.06
CA ARG A 30 -4.17 2.54 -2.53
C ARG A 30 -2.96 1.95 -1.79
N TYR A 31 -1.86 2.73 -1.71
CA TYR A 31 -0.61 2.30 -1.05
C TYR A 31 -0.73 2.30 0.49
N TYR A 32 -1.54 3.24 1.02
CA TYR A 32 -1.79 3.35 2.48
C TYR A 32 -2.62 2.16 2.96
N HIS A 33 -3.69 1.86 2.22
CA HIS A 33 -4.61 0.73 2.50
C HIS A 33 -3.87 -0.60 2.32
N GLN A 34 -2.95 -0.63 1.34
CA GLN A 34 -2.08 -1.79 1.06
C GLN A 34 -1.26 -2.17 2.31
N LEU A 35 -0.67 -1.16 2.96
CA LEU A 35 0.17 -1.33 4.16
C LEU A 35 -0.68 -1.65 5.42
N THR A 36 -1.70 -0.82 5.68
CA THR A 36 -2.50 -0.88 6.92
C THR A 36 -3.44 -2.10 6.92
N GLU A 37 -4.42 -2.08 6.01
CA GLU A 37 -5.51 -3.06 5.99
C GLU A 37 -5.07 -4.33 5.27
N GLY A 38 -4.29 -4.16 4.20
CA GLY A 38 -3.88 -5.25 3.31
C GLY A 38 -4.80 -5.37 2.10
N CYS A 39 -5.18 -6.61 1.78
CA CYS A 39 -6.13 -6.92 0.68
C CYS A 39 -6.96 -8.19 0.94
N GLY A 40 -6.72 -8.88 2.07
CA GLY A 40 -7.40 -10.15 2.38
C GLY A 40 -6.75 -11.37 1.75
N ASN A 41 -6.22 -11.20 0.51
CA ASN A 41 -5.61 -12.27 -0.30
C ASN A 41 -4.45 -12.98 0.44
N GLU A 42 -4.59 -14.31 0.59
CA GLU A 42 -3.61 -15.19 1.28
C GLU A 42 -2.31 -15.35 0.48
N ALA A 43 -2.45 -15.58 -0.84
CA ALA A 43 -1.30 -15.80 -1.76
C ALA A 43 -0.90 -14.45 -2.42
N CYS A 44 -0.80 -13.42 -1.56
CA CYS A 44 -0.47 -12.05 -1.99
C CYS A 44 1.03 -11.92 -2.30
N THR A 45 1.34 -11.67 -3.59
CA THR A 45 2.73 -11.55 -4.09
C THR A 45 3.27 -10.11 -3.95
N ASN A 46 3.00 -9.47 -2.79
CA ASN A 46 3.43 -8.10 -2.49
C ASN A 46 3.85 -8.03 -1.02
N GLU A 47 5.16 -7.95 -0.77
CA GLU A 47 5.76 -7.88 0.59
C GLU A 47 5.43 -6.56 1.31
N PHE A 48 5.14 -5.50 0.54
CA PHE A 48 4.75 -4.16 1.08
C PHE A 48 3.23 -4.09 1.30
N CYS A 49 2.64 -5.19 1.79
CA CYS A 49 1.19 -5.36 1.90
C CYS A 49 0.86 -6.21 3.13
N ALA A 50 -0.12 -5.76 3.95
CA ALA A 50 -0.55 -6.50 5.15
C ALA A 50 -1.26 -7.81 4.77
N SER A 51 -1.24 -8.76 5.73
CA SER A 51 -1.69 -10.17 5.55
C SER A 51 -0.71 -10.99 4.70
N CYS A 52 0.44 -10.40 4.33
CA CYS A 52 1.59 -11.13 3.78
C CYS A 52 2.53 -11.49 4.94
N PRO A 53 3.06 -12.77 5.02
CA PRO A 53 3.96 -13.20 6.15
C PRO A 53 5.34 -12.50 6.10
N THR A 54 5.63 -11.88 4.96
CA THR A 54 6.84 -11.10 4.72
C THR A 54 6.72 -9.67 5.32
N PHE A 55 5.47 -9.20 5.51
CA PHE A 55 5.20 -7.86 6.04
C PHE A 55 5.10 -7.91 7.58
N LEU A 56 6.00 -7.17 8.27
CA LEU A 56 5.90 -6.94 9.73
C LEU A 56 5.05 -5.68 9.96
N ARG A 57 4.15 -5.72 10.95
CA ARG A 57 3.20 -4.62 11.23
C ARG A 57 3.91 -3.41 11.83
N MET A 58 3.23 -2.25 11.72
CA MET A 58 3.82 -0.91 12.01
C MET A 58 2.77 0.03 12.61
N ASP A 59 3.15 1.31 12.78
CA ASP A 59 2.25 2.37 13.27
C ASP A 59 1.60 3.13 12.10
N ASN A 60 0.54 3.89 12.42
CA ASN A 60 -0.23 4.69 11.44
C ASN A 60 0.65 5.74 10.73
N ASN A 61 1.64 6.27 11.46
CA ASN A 61 2.61 7.25 10.94
C ASN A 61 3.55 6.56 9.95
N ALA A 62 4.10 5.39 10.33
CA ALA A 62 5.00 4.57 9.48
C ALA A 62 4.30 4.17 8.16
N ALA A 63 2.99 3.91 8.26
CA ALA A 63 2.13 3.59 7.12
C ALA A 63 1.99 4.80 6.18
N ALA A 64 1.81 6.00 6.76
CA ALA A 64 1.65 7.26 6.01
C ALA A 64 2.94 7.63 5.25
N ILE A 65 4.08 7.45 5.93
CA ILE A 65 5.41 7.75 5.38
C ILE A 65 5.68 6.82 4.19
N LYS A 66 5.58 5.50 4.44
CA LYS A 66 5.86 4.46 3.44
C LYS A 66 4.83 4.45 2.29
N ALA A 67 3.60 4.95 2.56
CA ALA A 67 2.54 5.11 1.52
C ALA A 67 3.00 6.08 0.44
N LEU A 68 3.51 7.23 0.90
CA LEU A 68 4.05 8.27 0.02
C LEU A 68 5.35 7.82 -0.65
N GLU A 69 6.16 7.01 0.06
CA GLU A 69 7.42 6.45 -0.49
C GLU A 69 7.14 5.53 -1.68
N LEU A 70 6.20 4.60 -1.48
CA LEU A 70 5.78 3.63 -2.52
C LEU A 70 5.07 4.33 -3.69
N TYR A 71 4.41 5.46 -3.38
CA TYR A 71 3.73 6.29 -4.39
C TYR A 71 4.76 6.99 -5.31
N LYS A 72 5.75 7.68 -4.69
CA LYS A 72 6.72 8.53 -5.41
C LYS A 72 7.71 7.71 -6.26
N ILE A 73 8.02 6.48 -5.80
CA ILE A 73 8.93 5.56 -6.53
C ILE A 73 8.16 4.69 -7.54
N ASN A 74 6.81 4.74 -7.47
CA ASN A 74 5.89 4.01 -8.38
C ASN A 74 6.07 2.50 -8.20
N ALA A 75 6.08 2.07 -6.93
CA ALA A 75 6.30 0.68 -6.52
C ALA A 75 5.14 -0.24 -6.93
N LYS A 76 5.38 -1.55 -6.80
CA LYS A 76 4.38 -2.60 -7.06
C LYS A 76 3.14 -2.40 -6.16
N LEU A 77 2.07 -1.92 -6.78
CA LEU A 77 0.76 -1.75 -6.13
C LEU A 77 0.00 -3.08 -6.15
N CYS A 78 -0.70 -3.37 -5.05
CA CYS A 78 -1.46 -4.59 -4.90
C CYS A 78 -2.92 -4.36 -5.31
N ASP A 79 -3.27 -4.82 -6.52
CA ASP A 79 -4.65 -4.74 -7.04
C ASP A 79 -5.22 -6.17 -7.17
N PRO A 80 -6.49 -6.44 -6.67
CA PRO A 80 -7.12 -7.79 -6.71
C PRO A 80 -7.26 -8.31 -8.17
N HIS A 81 -6.45 -9.34 -8.49
CA HIS A 81 -6.38 -9.95 -9.83
C HIS A 81 -7.64 -10.80 -10.12
N PRO A 82 -8.22 -10.74 -11.36
CA PRO A 82 -9.45 -11.49 -11.73
C PRO A 82 -9.18 -13.01 -11.92
ZN ZN B . -1.94 -7.64 -1.10
N MET A 19 0.35 20.95 -6.01
CA MET A 19 0.39 19.90 -7.05
C MET A 19 -0.38 18.63 -6.60
N LYS A 20 -1.24 18.77 -5.56
CA LYS A 20 -2.08 17.68 -5.05
C LYS A 20 -3.18 17.35 -6.08
N ARG A 21 -2.91 16.32 -6.89
CA ARG A 21 -3.85 15.82 -7.90
C ARG A 21 -4.93 14.95 -7.25
N ALA A 22 -6.10 14.84 -7.88
CA ALA A 22 -7.21 14.00 -7.38
C ALA A 22 -6.82 12.53 -7.45
N ALA A 23 -6.22 12.14 -8.58
CA ALA A 23 -5.70 10.79 -8.82
C ALA A 23 -4.54 10.46 -7.86
N ALA A 24 -3.70 11.48 -7.57
CA ALA A 24 -2.56 11.35 -6.64
C ALA A 24 -3.04 11.03 -5.22
N LYS A 25 -4.04 11.79 -4.74
CA LYS A 25 -4.66 11.60 -3.40
C LYS A 25 -5.23 10.18 -3.27
N HIS A 26 -5.95 9.74 -4.31
CA HIS A 26 -6.59 8.42 -4.37
C HIS A 26 -5.55 7.30 -4.47
N LEU A 27 -4.43 7.56 -5.17
CA LEU A 27 -3.32 6.59 -5.34
C LEU A 27 -2.61 6.35 -3.99
N ILE A 28 -2.33 7.46 -3.28
CA ILE A 28 -1.78 7.44 -1.91
C ILE A 28 -2.74 6.69 -0.96
N GLU A 29 -4.05 6.84 -1.22
CA GLU A 29 -5.12 6.20 -0.43
C GLU A 29 -5.11 4.67 -0.63
N ARG A 30 -4.86 4.23 -1.88
CA ARG A 30 -4.80 2.79 -2.23
C ARG A 30 -3.54 2.15 -1.61
N TYR A 31 -2.41 2.85 -1.73
CA TYR A 31 -1.13 2.47 -1.10
C TYR A 31 -1.26 2.42 0.43
N TYR A 32 -2.00 3.40 1.00
CA TYR A 32 -2.22 3.50 2.46
C TYR A 32 -2.96 2.26 2.97
N HIS A 33 -4.07 1.93 2.25
CA HIS A 33 -4.91 0.76 2.55
C HIS A 33 -4.13 -0.56 2.33
N GLN A 34 -3.07 -0.50 1.52
CA GLN A 34 -2.18 -1.64 1.28
C GLN A 34 -1.27 -1.92 2.50
N LEU A 35 -0.70 -0.86 3.11
CA LEU A 35 0.20 -1.02 4.28
C LEU A 35 -0.57 -1.28 5.59
N THR A 36 -1.79 -0.74 5.68
CA THR A 36 -2.64 -0.90 6.88
C THR A 36 -3.43 -2.24 6.81
N GLU A 37 -4.27 -2.37 5.78
CA GLU A 37 -5.22 -3.51 5.63
C GLU A 37 -4.63 -4.63 4.78
N GLY A 38 -3.93 -4.25 3.70
CA GLY A 38 -3.39 -5.19 2.71
C GLY A 38 -4.30 -5.31 1.50
N CYS A 39 -4.78 -6.52 1.23
CA CYS A 39 -5.72 -6.80 0.12
C CYS A 39 -6.50 -8.11 0.37
N GLY A 40 -6.45 -8.60 1.62
CA GLY A 40 -7.05 -9.89 1.99
C GLY A 40 -6.10 -11.05 1.70
N ASN A 41 -5.70 -11.15 0.43
CA ASN A 41 -4.74 -12.15 -0.07
C ASN A 41 -3.42 -12.12 0.74
N GLU A 42 -3.21 -13.17 1.54
CA GLU A 42 -1.97 -13.37 2.32
C GLU A 42 -0.85 -13.91 1.42
N ALA A 43 -1.23 -14.76 0.46
CA ALA A 43 -0.32 -15.32 -0.57
C ALA A 43 -0.15 -14.30 -1.71
N CYS A 44 0.27 -13.09 -1.31
CA CYS A 44 0.37 -11.93 -2.17
C CYS A 44 1.82 -11.73 -2.60
N THR A 45 2.03 -11.39 -3.89
CA THR A 45 3.35 -11.18 -4.46
C THR A 45 3.83 -9.72 -4.22
N ASN A 46 3.77 -9.31 -2.93
CA ASN A 46 4.21 -8.00 -2.48
C ASN A 46 4.46 -8.08 -0.97
N GLU A 47 5.74 -7.93 -0.57
CA GLU A 47 6.15 -7.92 0.85
C GLU A 47 5.72 -6.61 1.54
N PHE A 48 5.54 -5.55 0.74
CA PHE A 48 5.09 -4.23 1.20
C PHE A 48 3.55 -4.17 1.18
N CYS A 49 2.93 -5.21 1.78
CA CYS A 49 1.48 -5.40 1.78
C CYS A 49 1.09 -6.09 3.09
N ALA A 50 0.10 -5.54 3.79
CA ALA A 50 -0.36 -6.09 5.08
C ALA A 50 -1.15 -7.37 4.87
N SER A 51 -1.27 -8.15 5.97
CA SER A 51 -1.87 -9.50 5.98
C SER A 51 -0.98 -10.53 5.22
N CYS A 52 0.20 -10.11 4.72
CA CYS A 52 1.17 -11.01 4.07
C CYS A 52 2.23 -11.46 5.10
N PRO A 53 2.74 -12.73 5.03
CA PRO A 53 3.73 -13.27 6.01
C PRO A 53 5.11 -12.59 5.87
N THR A 54 5.38 -12.04 4.68
CA THR A 54 6.65 -11.37 4.34
C THR A 54 6.66 -9.89 4.81
N PHE A 55 5.51 -9.42 5.31
CA PHE A 55 5.33 -8.03 5.84
C PHE A 55 5.74 -7.97 7.32
N LEU A 56 6.09 -6.76 7.78
CA LEU A 56 6.30 -6.46 9.21
C LEU A 56 5.36 -5.30 9.58
N ARG A 57 4.50 -5.54 10.59
CA ARG A 57 3.47 -4.57 11.05
C ARG A 57 4.10 -3.24 11.53
N MET A 58 3.31 -2.17 11.46
CA MET A 58 3.74 -0.80 11.78
C MET A 58 2.52 0.04 12.19
N ASP A 59 2.78 1.27 12.67
CA ASP A 59 1.73 2.26 12.96
C ASP A 59 1.07 2.74 11.66
N ASN A 60 -0.14 3.29 11.75
CA ASN A 60 -0.88 3.81 10.56
C ASN A 60 -0.19 5.07 10.00
N ASN A 61 0.56 5.77 10.87
CA ASN A 61 1.37 6.94 10.49
C ASN A 61 2.62 6.50 9.71
N ALA A 62 3.23 5.38 10.17
CA ALA A 62 4.37 4.74 9.50
C ALA A 62 3.93 4.11 8.17
N ALA A 63 2.67 3.64 8.14
CA ALA A 63 2.03 3.06 6.96
C ALA A 63 1.70 4.16 5.94
N ALA A 64 1.46 5.38 6.43
CA ALA A 64 1.25 6.57 5.59
C ALA A 64 2.58 7.01 4.92
N ILE A 65 3.67 7.01 5.71
CA ILE A 65 5.04 7.29 5.21
C ILE A 65 5.44 6.24 4.15
N LYS A 66 5.17 4.97 4.47
CA LYS A 66 5.54 3.85 3.59
C LYS A 66 4.65 3.82 2.33
N ALA A 67 3.42 4.35 2.45
CA ALA A 67 2.51 4.57 1.32
C ALA A 67 3.13 5.55 0.32
N LEU A 68 3.68 6.66 0.84
CA LEU A 68 4.36 7.69 0.03
C LEU A 68 5.68 7.16 -0.58
N GLU A 69 6.36 6.24 0.12
CA GLU A 69 7.58 5.58 -0.40
C GLU A 69 7.25 4.73 -1.63
N LEU A 70 6.21 3.90 -1.50
CA LEU A 70 5.74 3.02 -2.57
C LEU A 70 5.10 3.85 -3.70
N TYR A 71 4.55 5.02 -3.35
CA TYR A 71 3.94 5.94 -4.31
C TYR A 71 5.00 6.58 -5.23
N LYS A 72 6.10 7.09 -4.63
CA LYS A 72 7.14 7.83 -5.37
C LYS A 72 7.95 6.90 -6.30
N ILE A 73 8.16 5.65 -5.85
CA ILE A 73 8.87 4.62 -6.64
C ILE A 73 7.90 3.91 -7.63
N ASN A 74 6.57 4.06 -7.36
CA ASN A 74 5.48 3.40 -8.10
C ASN A 74 5.67 1.87 -8.03
N ALA A 75 5.48 1.34 -6.83
CA ALA A 75 5.70 -0.08 -6.50
C ALA A 75 4.46 -0.92 -6.79
N LYS A 76 4.51 -2.19 -6.33
CA LYS A 76 3.38 -3.12 -6.39
C LYS A 76 2.19 -2.57 -5.59
N LEU A 77 1.22 -2.03 -6.31
CA LEU A 77 -0.07 -1.63 -5.74
C LEU A 77 -1.10 -2.74 -6.03
N CYS A 78 -1.79 -3.19 -4.97
CA CYS A 78 -2.83 -4.21 -5.07
C CYS A 78 -4.15 -3.54 -5.52
N ASP A 79 -4.19 -3.25 -6.82
CA ASP A 79 -5.25 -2.48 -7.49
C ASP A 79 -5.90 -3.36 -8.57
N PRO A 80 -7.27 -3.36 -8.71
CA PRO A 80 -7.95 -4.19 -9.71
C PRO A 80 -7.69 -3.65 -11.14
N HIS A 81 -6.89 -4.39 -11.90
CA HIS A 81 -6.49 -4.01 -13.26
C HIS A 81 -7.15 -4.96 -14.28
N PRO A 82 -8.27 -4.54 -14.96
CA PRO A 82 -8.88 -5.33 -16.06
C PRO A 82 -7.86 -5.58 -17.21
ZN ZN B . -1.48 -7.39 -1.57
N MET A 19 -1.42 20.37 -7.57
CA MET A 19 -0.73 19.26 -8.27
C MET A 19 -1.19 17.91 -7.69
N LYS A 20 -1.50 17.86 -6.37
CA LYS A 20 -2.05 16.67 -5.72
C LYS A 20 -3.55 16.58 -6.08
N ARG A 21 -3.80 15.91 -7.20
CA ARG A 21 -5.16 15.69 -7.74
C ARG A 21 -5.88 14.61 -6.92
N ALA A 22 -7.20 14.47 -7.14
CA ALA A 22 -8.04 13.51 -6.41
C ALA A 22 -7.50 12.09 -6.54
N ALA A 23 -7.21 11.67 -7.78
CA ALA A 23 -6.69 10.33 -8.12
C ALA A 23 -5.24 10.12 -7.61
N ALA A 24 -4.46 11.23 -7.58
CA ALA A 24 -3.09 11.23 -7.05
C ALA A 24 -3.08 10.87 -5.56
N LYS A 25 -4.01 11.50 -4.82
CA LYS A 25 -4.18 11.27 -3.37
C LYS A 25 -4.90 9.93 -3.11
N HIS A 26 -5.73 9.48 -4.07
CA HIS A 26 -6.40 8.16 -4.02
C HIS A 26 -5.35 7.04 -4.12
N LEU A 27 -4.30 7.28 -4.91
CA LEU A 27 -3.20 6.33 -5.14
C LEU A 27 -2.28 6.24 -3.90
N ILE A 28 -2.05 7.42 -3.27
CA ILE A 28 -1.40 7.51 -1.94
C ILE A 28 -2.21 6.69 -0.91
N GLU A 29 -3.56 6.83 -1.01
CA GLU A 29 -4.52 6.17 -0.14
C GLU A 29 -4.61 4.66 -0.43
N ARG A 30 -4.33 4.25 -1.69
CA ARG A 30 -4.27 2.83 -2.10
C ARG A 30 -3.12 2.11 -1.42
N TYR A 31 -1.95 2.79 -1.39
CA TYR A 31 -0.75 2.28 -0.70
C TYR A 31 -0.93 2.30 0.82
N TYR A 32 -1.52 3.38 1.36
CA TYR A 32 -1.80 3.52 2.82
C TYR A 32 -2.72 2.39 3.30
N HIS A 33 -3.76 2.14 2.49
CA HIS A 33 -4.76 1.07 2.71
C HIS A 33 -4.11 -0.30 2.52
N GLN A 34 -3.05 -0.36 1.70
CA GLN A 34 -2.28 -1.58 1.49
C GLN A 34 -1.37 -1.90 2.70
N LEU A 35 -0.77 -0.86 3.33
CA LEU A 35 0.09 -1.06 4.53
C LEU A 35 -0.76 -1.36 5.80
N THR A 36 -2.03 -0.91 5.82
CA THR A 36 -2.92 -1.11 6.98
C THR A 36 -3.77 -2.39 6.82
N GLU A 37 -4.53 -2.47 5.72
CA GLU A 37 -5.46 -3.59 5.45
C GLU A 37 -4.76 -4.68 4.65
N GLY A 38 -4.32 -4.32 3.43
CA GLY A 38 -3.65 -5.24 2.50
C GLY A 38 -4.39 -5.33 1.17
N CYS A 39 -4.93 -6.53 0.85
CA CYS A 39 -5.70 -6.75 -0.39
C CYS A 39 -6.67 -7.95 -0.31
N GLY A 40 -6.72 -8.65 0.84
CA GLY A 40 -7.62 -9.79 1.05
C GLY A 40 -7.10 -11.11 0.52
N ASN A 41 -6.35 -11.07 -0.61
CA ASN A 41 -5.72 -12.24 -1.24
C ASN A 41 -4.77 -12.94 -0.25
N GLU A 42 -4.95 -14.28 -0.10
CA GLU A 42 -4.19 -15.11 0.84
C GLU A 42 -2.69 -15.09 0.51
N ALA A 43 -2.31 -15.75 -0.60
CA ALA A 43 -0.91 -15.84 -1.02
C ALA A 43 -0.52 -14.56 -1.77
N CYS A 44 -0.17 -13.53 -1.01
CA CYS A 44 0.32 -12.27 -1.54
C CYS A 44 1.82 -12.11 -1.22
N THR A 45 2.68 -12.23 -2.25
CA THR A 45 4.14 -12.16 -2.09
C THR A 45 4.62 -10.69 -2.25
N ASN A 46 4.13 -9.81 -1.35
CA ASN A 46 4.52 -8.40 -1.34
C ASN A 46 4.72 -7.93 0.12
N GLU A 47 5.99 -7.71 0.48
CA GLU A 47 6.41 -7.17 1.79
C GLU A 47 5.88 -5.73 2.03
N PHE A 48 5.54 -5.04 0.92
CA PHE A 48 4.96 -3.68 0.96
C PHE A 48 3.41 -3.72 1.08
N CYS A 49 2.88 -4.83 1.65
CA CYS A 49 1.43 -5.11 1.68
C CYS A 49 1.08 -5.87 2.95
N ALA A 50 -0.05 -5.51 3.59
CA ALA A 50 -0.47 -6.10 4.86
C ALA A 50 -1.19 -7.44 4.64
N SER A 51 -1.19 -8.28 5.69
CA SER A 51 -1.72 -9.66 5.67
C SER A 51 -0.83 -10.61 4.81
N CYS A 52 0.31 -10.08 4.29
CA CYS A 52 1.28 -10.86 3.51
C CYS A 52 2.32 -11.52 4.46
N PRO A 53 2.90 -12.72 4.09
CA PRO A 53 3.85 -13.46 4.97
C PRO A 53 5.15 -12.68 5.21
N THR A 54 5.58 -11.90 4.21
CA THR A 54 6.82 -11.13 4.22
C THR A 54 6.64 -9.71 4.82
N PHE A 55 5.43 -9.42 5.33
CA PHE A 55 5.08 -8.11 5.91
C PHE A 55 5.26 -8.13 7.43
N LEU A 56 6.03 -7.16 7.96
CA LEU A 56 6.05 -6.84 9.39
C LEU A 56 5.09 -5.66 9.64
N ARG A 57 4.34 -5.70 10.76
CA ARG A 57 3.32 -4.67 11.06
C ARG A 57 3.97 -3.33 11.45
N MET A 58 3.22 -2.26 11.17
CA MET A 58 3.68 -0.87 11.24
C MET A 58 2.48 0.04 11.50
N ASP A 59 2.72 1.15 12.22
CA ASP A 59 1.65 2.07 12.68
C ASP A 59 1.17 2.97 11.53
N ASN A 60 0.17 3.82 11.81
CA ASN A 60 -0.47 4.70 10.82
C ASN A 60 0.49 5.78 10.27
N ASN A 61 1.43 6.26 11.11
CA ASN A 61 2.42 7.29 10.70
C ASN A 61 3.46 6.67 9.75
N ALA A 62 3.97 5.47 10.12
CA ALA A 62 4.92 4.72 9.27
C ALA A 62 4.25 4.32 7.94
N ALA A 63 2.95 3.95 8.01
CA ALA A 63 2.14 3.56 6.84
C ALA A 63 1.89 4.77 5.92
N ALA A 64 1.79 5.97 6.52
CA ALA A 64 1.58 7.23 5.78
C ALA A 64 2.82 7.63 4.98
N ILE A 65 3.98 7.62 5.65
CA ILE A 65 5.29 7.94 5.03
C ILE A 65 5.59 6.92 3.93
N LYS A 66 5.38 5.62 4.24
CA LYS A 66 5.64 4.51 3.32
C LYS A 66 4.69 4.58 2.11
N ALA A 67 3.45 5.09 2.32
CA ALA A 67 2.46 5.29 1.24
C ALA A 67 2.98 6.26 0.17
N LEU A 68 3.58 7.37 0.64
CA LEU A 68 4.21 8.40 -0.22
C LEU A 68 5.47 7.85 -0.93
N GLU A 69 6.30 7.10 -0.19
CA GLU A 69 7.55 6.50 -0.73
C GLU A 69 7.23 5.50 -1.86
N LEU A 70 6.26 4.61 -1.58
CA LEU A 70 5.86 3.56 -2.53
C LEU A 70 5.08 4.12 -3.71
N TYR A 71 4.43 5.28 -3.51
CA TYR A 71 3.72 5.99 -4.58
C TYR A 71 4.74 6.54 -5.60
N LYS A 72 5.74 7.28 -5.08
CA LYS A 72 6.69 8.02 -5.93
C LYS A 72 7.67 7.07 -6.67
N ILE A 73 8.00 5.91 -6.06
CA ILE A 73 8.84 4.88 -6.70
C ILE A 73 7.99 3.91 -7.55
N ASN A 74 6.65 3.96 -7.34
CA ASN A 74 5.66 3.12 -8.04
C ASN A 74 5.94 1.62 -7.76
N ALA A 75 5.79 1.25 -6.49
CA ALA A 75 6.04 -0.12 -6.00
C ALA A 75 4.87 -1.08 -6.32
N LYS A 76 4.98 -2.32 -5.81
CA LYS A 76 3.96 -3.36 -5.99
C LYS A 76 2.66 -2.99 -5.28
N LEU A 77 1.65 -2.60 -6.07
CA LEU A 77 0.30 -2.30 -5.59
C LEU A 77 -0.65 -3.41 -6.07
N CYS A 78 -1.48 -3.91 -5.14
CA CYS A 78 -2.47 -4.97 -5.41
C CYS A 78 -3.85 -4.35 -5.62
N ASP A 79 -4.13 -3.27 -4.85
CA ASP A 79 -5.49 -2.67 -4.65
C ASP A 79 -6.38 -3.59 -3.78
N PRO A 80 -7.31 -3.01 -2.95
CA PRO A 80 -8.29 -3.80 -2.14
C PRO A 80 -9.26 -4.60 -3.05
N HIS A 81 -9.54 -5.87 -2.67
CA HIS A 81 -10.45 -6.74 -3.44
C HIS A 81 -11.92 -6.26 -3.30
N PRO A 82 -12.74 -6.32 -4.39
CA PRO A 82 -14.21 -6.06 -4.32
C PRO A 82 -14.93 -6.96 -3.26
ZN ZN B . -1.27 -7.66 -1.51
N MET A 19 1.48 18.57 -8.67
CA MET A 19 0.56 18.74 -7.53
C MET A 19 -0.22 17.45 -7.30
N LYS A 20 -0.21 16.94 -6.04
CA LYS A 20 -0.95 15.73 -5.67
C LYS A 20 -2.47 16.00 -5.69
N ARG A 21 -3.09 15.68 -6.84
CA ARG A 21 -4.55 15.82 -7.04
C ARG A 21 -5.31 14.62 -6.44
N ALA A 22 -6.60 14.47 -6.79
CA ALA A 22 -7.47 13.39 -6.30
C ALA A 22 -6.91 12.01 -6.68
N ALA A 23 -6.48 11.86 -7.95
CA ALA A 23 -5.89 10.60 -8.48
C ALA A 23 -4.59 10.23 -7.74
N ALA A 24 -3.79 11.26 -7.43
CA ALA A 24 -2.49 11.11 -6.76
C ALA A 24 -2.65 10.74 -5.28
N LYS A 25 -3.61 11.40 -4.61
CA LYS A 25 -3.91 11.18 -3.19
C LYS A 25 -4.64 9.84 -2.99
N HIS A 26 -5.41 9.43 -4.03
CA HIS A 26 -6.04 8.11 -4.08
C HIS A 26 -4.99 7.02 -4.35
N LEU A 27 -3.92 7.36 -5.10
CA LEU A 27 -2.79 6.44 -5.35
C LEU A 27 -2.07 6.15 -4.02
N ILE A 28 -1.83 7.23 -3.26
CA ILE A 28 -1.29 7.17 -1.88
C ILE A 28 -2.23 6.35 -0.97
N GLU A 29 -3.55 6.55 -1.18
CA GLU A 29 -4.62 5.85 -0.45
C GLU A 29 -4.60 4.33 -0.73
N ARG A 30 -4.20 3.96 -1.97
CA ARG A 30 -4.09 2.54 -2.36
C ARG A 30 -2.93 1.89 -1.61
N TYR A 31 -1.77 2.60 -1.57
CA TYR A 31 -0.57 2.16 -0.84
C TYR A 31 -0.83 2.11 0.68
N TYR A 32 -1.60 3.09 1.18
CA TYR A 32 -1.93 3.20 2.61
C TYR A 32 -2.83 2.03 3.04
N HIS A 33 -3.88 1.79 2.22
CA HIS A 33 -4.79 0.63 2.36
C HIS A 33 -3.99 -0.69 2.24
N GLN A 34 -3.00 -0.69 1.34
CA GLN A 34 -2.18 -1.88 1.04
C GLN A 34 -1.35 -2.28 2.27
N LEU A 35 -0.78 -1.28 2.95
CA LEU A 35 0.08 -1.49 4.14
C LEU A 35 -0.76 -1.84 5.38
N THR A 36 -1.80 -1.03 5.66
CA THR A 36 -2.62 -1.19 6.88
C THR A 36 -3.58 -2.39 6.76
N GLU A 37 -4.47 -2.36 5.75
CA GLU A 37 -5.55 -3.36 5.58
C GLU A 37 -5.03 -4.61 4.85
N GLY A 38 -4.34 -4.38 3.73
CA GLY A 38 -3.88 -5.43 2.83
C GLY A 38 -4.73 -5.54 1.58
N CYS A 39 -5.32 -6.74 1.35
CA CYS A 39 -6.18 -7.01 0.19
C CYS A 39 -7.17 -8.17 0.43
N GLY A 40 -7.14 -8.78 1.63
CA GLY A 40 -7.92 -9.99 1.91
C GLY A 40 -7.22 -11.29 1.49
N ASN A 41 -6.45 -11.22 0.37
CA ASN A 41 -5.70 -12.36 -0.19
C ASN A 41 -4.74 -12.99 0.84
N GLU A 42 -5.02 -14.26 1.20
CA GLU A 42 -4.28 -15.02 2.20
C GLU A 42 -2.84 -15.33 1.73
N ALA A 43 -2.71 -15.75 0.45
CA ALA A 43 -1.44 -16.18 -0.14
C ALA A 43 -0.81 -15.02 -0.92
N CYS A 44 -0.82 -13.83 -0.29
CA CYS A 44 -0.35 -12.59 -0.92
C CYS A 44 1.19 -12.53 -0.95
N THR A 45 1.73 -12.21 -2.14
CA THR A 45 3.18 -12.22 -2.41
C THR A 45 3.87 -10.88 -2.05
N ASN A 46 3.14 -9.77 -2.28
CA ASN A 46 3.68 -8.39 -2.21
C ASN A 46 4.12 -8.02 -0.76
N GLU A 47 5.44 -7.80 -0.57
CA GLU A 47 6.03 -7.48 0.76
C GLU A 47 5.56 -6.11 1.31
N PHE A 48 5.10 -5.21 0.40
CA PHE A 48 4.54 -3.89 0.76
C PHE A 48 3.02 -3.96 1.01
N CYS A 49 2.54 -5.14 1.44
CA CYS A 49 1.09 -5.41 1.57
C CYS A 49 0.85 -6.27 2.80
N ALA A 50 -0.23 -5.96 3.53
CA ALA A 50 -0.67 -6.75 4.70
C ALA A 50 -1.30 -8.07 4.24
N SER A 51 -1.34 -9.04 5.17
CA SER A 51 -1.72 -10.45 4.92
C SER A 51 -0.61 -11.19 4.11
N CYS A 52 0.58 -10.55 3.98
CA CYS A 52 1.81 -11.18 3.49
C CYS A 52 2.72 -11.49 4.70
N PRO A 53 3.37 -12.71 4.75
CA PRO A 53 4.20 -13.14 5.91
C PRO A 53 5.51 -12.32 6.02
N THR A 54 5.98 -11.81 4.87
CA THR A 54 7.21 -11.04 4.75
C THR A 54 7.00 -9.55 5.10
N PHE A 55 5.73 -9.12 5.18
CA PHE A 55 5.37 -7.73 5.58
C PHE A 55 5.60 -7.55 7.08
N LEU A 56 6.21 -6.42 7.45
CA LEU A 56 6.40 -6.02 8.85
C LEU A 56 5.35 -4.98 9.23
N ARG A 57 4.59 -5.29 10.29
CA ARG A 57 3.42 -4.51 10.73
C ARG A 57 3.83 -3.15 11.32
N MET A 58 3.90 -2.15 10.43
CA MET A 58 4.07 -0.73 10.81
C MET A 58 2.74 -0.14 11.29
N ASP A 59 2.81 0.95 12.07
CA ASP A 59 1.62 1.70 12.51
C ASP A 59 1.07 2.56 11.36
N ASN A 60 -0.12 3.16 11.57
CA ASN A 60 -0.83 3.94 10.53
C ASN A 60 -0.01 5.17 10.07
N ASN A 61 0.73 5.81 11.00
CA ASN A 61 1.52 7.03 10.71
C ASN A 61 2.76 6.67 9.88
N ALA A 62 3.38 5.52 10.20
CA ALA A 62 4.54 4.98 9.45
C ALA A 62 4.10 4.50 8.06
N ALA A 63 2.85 3.99 7.99
CA ALA A 63 2.23 3.54 6.73
C ALA A 63 1.82 4.72 5.85
N ALA A 64 1.56 5.88 6.48
CA ALA A 64 1.27 7.14 5.78
C ALA A 64 2.54 7.69 5.10
N ILE A 65 3.65 7.69 5.86
CA ILE A 65 4.97 8.10 5.36
C ILE A 65 5.42 7.16 4.23
N LYS A 66 5.23 5.84 4.44
CA LYS A 66 5.62 4.82 3.47
C LYS A 66 4.66 4.82 2.26
N ALA A 67 3.42 5.31 2.44
CA ALA A 67 2.47 5.49 1.33
C ALA A 67 2.98 6.55 0.34
N LEU A 68 3.58 7.62 0.88
CA LEU A 68 4.26 8.67 0.08
C LEU A 68 5.53 8.12 -0.61
N GLU A 69 6.29 7.28 0.11
CA GLU A 69 7.53 6.66 -0.41
C GLU A 69 7.23 5.71 -1.59
N LEU A 70 6.20 4.87 -1.40
CA LEU A 70 5.75 3.91 -2.41
C LEU A 70 5.13 4.65 -3.61
N TYR A 71 4.52 5.81 -3.34
CA TYR A 71 3.94 6.68 -4.37
C TYR A 71 5.04 7.22 -5.31
N LYS A 72 6.09 7.85 -4.72
CA LYS A 72 7.14 8.55 -5.48
C LYS A 72 8.03 7.58 -6.30
N ILE A 73 8.20 6.33 -5.81
CA ILE A 73 9.02 5.31 -6.51
C ILE A 73 8.19 4.52 -7.55
N ASN A 74 6.86 4.76 -7.56
CA ASN A 74 5.88 4.00 -8.40
C ASN A 74 5.99 2.50 -8.09
N ALA A 75 5.73 2.16 -6.82
CA ALA A 75 5.86 0.79 -6.33
C ALA A 75 4.75 -0.12 -6.85
N LYS A 76 4.98 -1.42 -6.68
CA LYS A 76 4.03 -2.47 -7.00
C LYS A 76 2.76 -2.34 -6.12
N LEU A 77 1.64 -2.02 -6.76
CA LEU A 77 0.32 -2.09 -6.14
C LEU A 77 -0.22 -3.51 -6.26
N CYS A 78 -1.05 -3.87 -5.29
CA CYS A 78 -1.63 -5.21 -5.17
C CYS A 78 -3.13 -5.15 -5.56
N ASP A 79 -3.43 -4.17 -6.44
CA ASP A 79 -4.79 -3.74 -6.78
C ASP A 79 -4.76 -2.91 -8.08
N PRO A 80 -5.90 -2.88 -8.88
CA PRO A 80 -6.07 -1.94 -10.01
C PRO A 80 -6.05 -0.46 -9.56
N HIS A 81 -5.42 0.40 -10.37
CA HIS A 81 -5.28 1.84 -10.09
C HIS A 81 -6.64 2.57 -10.14
N PRO A 82 -6.92 3.56 -9.22
CA PRO A 82 -8.21 4.29 -9.16
C PRO A 82 -8.39 5.27 -10.37
ZN ZN B . -1.91 -8.06 -1.22
N MET A 19 1.94 15.55 -5.42
CA MET A 19 0.88 14.64 -4.92
C MET A 19 -0.53 15.25 -5.11
N LYS A 20 -0.60 16.54 -5.54
CA LYS A 20 -1.86 17.26 -5.74
C LYS A 20 -2.44 16.99 -7.15
N ARG A 21 -3.00 15.79 -7.30
CA ARG A 21 -3.80 15.36 -8.46
C ARG A 21 -4.90 14.44 -7.94
N ALA A 22 -5.95 14.22 -8.76
CA ALA A 22 -7.09 13.36 -8.40
C ALA A 22 -6.60 11.91 -8.19
N ALA A 23 -6.03 11.32 -9.26
CA ALA A 23 -5.49 9.94 -9.24
C ALA A 23 -4.37 9.80 -8.18
N ALA A 24 -3.53 10.85 -8.08
CA ALA A 24 -2.39 10.90 -7.13
C ALA A 24 -2.84 10.74 -5.68
N LYS A 25 -3.91 11.47 -5.33
CA LYS A 25 -4.50 11.47 -3.98
C LYS A 25 -4.98 10.06 -3.62
N HIS A 26 -5.78 9.47 -4.54
CA HIS A 26 -6.33 8.11 -4.39
C HIS A 26 -5.22 7.08 -4.21
N LEU A 27 -4.10 7.27 -4.95
CA LEU A 27 -2.93 6.38 -4.93
C LEU A 27 -2.24 6.38 -3.55
N ILE A 28 -2.25 7.53 -2.86
CA ILE A 28 -1.72 7.63 -1.48
C ILE A 28 -2.57 6.76 -0.54
N GLU A 29 -3.92 6.87 -0.67
CA GLU A 29 -4.88 6.03 0.08
C GLU A 29 -4.78 4.54 -0.31
N ARG A 30 -4.33 4.26 -1.56
CA ARG A 30 -4.18 2.88 -2.06
C ARG A 30 -3.04 2.17 -1.32
N TYR A 31 -1.84 2.80 -1.35
CA TYR A 31 -0.64 2.24 -0.70
C TYR A 31 -0.78 2.21 0.83
N TYR A 32 -1.46 3.22 1.39
CA TYR A 32 -1.77 3.30 2.84
C TYR A 32 -2.65 2.11 3.28
N HIS A 33 -3.78 1.93 2.54
CA HIS A 33 -4.78 0.86 2.83
C HIS A 33 -4.16 -0.53 2.56
N GLN A 34 -3.13 -0.56 1.69
CA GLN A 34 -2.35 -1.76 1.39
C GLN A 34 -1.46 -2.17 2.59
N LEU A 35 -0.86 -1.17 3.26
CA LEU A 35 0.08 -1.40 4.38
C LEU A 35 -0.67 -1.69 5.70
N THR A 36 -1.78 -0.99 5.92
CA THR A 36 -2.56 -1.09 7.17
C THR A 36 -3.50 -2.32 7.13
N GLU A 37 -4.40 -2.35 6.14
CA GLU A 37 -5.49 -3.34 6.06
C GLU A 37 -5.03 -4.55 5.21
N GLY A 38 -4.35 -4.24 4.10
CA GLY A 38 -3.93 -5.24 3.13
C GLY A 38 -4.90 -5.42 1.98
N CYS A 39 -4.87 -6.61 1.39
CA CYS A 39 -5.78 -6.99 0.28
C CYS A 39 -6.59 -8.26 0.61
N GLY A 40 -6.43 -8.81 1.83
CA GLY A 40 -7.13 -10.03 2.26
C GLY A 40 -6.42 -11.32 1.81
N ASN A 41 -6.09 -11.36 0.50
CA ASN A 41 -5.32 -12.44 -0.15
C ASN A 41 -3.99 -12.73 0.59
N GLU A 42 -3.92 -13.93 1.23
CA GLU A 42 -2.75 -14.37 2.02
C GLU A 42 -1.56 -14.74 1.12
N ALA A 43 -1.88 -15.23 -0.10
CA ALA A 43 -0.88 -15.64 -1.11
C ALA A 43 -0.48 -14.44 -1.98
N CYS A 44 -0.24 -13.31 -1.31
CA CYS A 44 0.06 -12.02 -1.94
C CYS A 44 1.57 -11.91 -2.25
N THR A 45 1.91 -11.57 -3.51
CA THR A 45 3.30 -11.55 -3.99
C THR A 45 3.99 -10.17 -3.74
N ASN A 46 3.50 -9.42 -2.72
CA ASN A 46 3.95 -8.04 -2.43
C ASN A 46 4.35 -7.95 -0.93
N GLU A 47 5.66 -7.76 -0.66
CA GLU A 47 6.20 -7.65 0.72
C GLU A 47 5.77 -6.33 1.41
N PHE A 48 5.49 -5.30 0.58
CA PHE A 48 5.04 -3.97 1.04
C PHE A 48 3.50 -3.92 1.15
N CYS A 49 2.94 -4.97 1.76
CA CYS A 49 1.49 -5.16 1.82
C CYS A 49 1.12 -6.02 3.02
N ALA A 50 0.12 -5.58 3.80
CA ALA A 50 -0.51 -6.43 4.82
C ALA A 50 -1.30 -7.56 4.11
N SER A 51 -1.65 -8.61 4.87
CA SER A 51 -2.12 -9.92 4.37
C SER A 51 -0.94 -10.75 3.80
N CYS A 52 0.29 -10.23 3.90
CA CYS A 52 1.51 -10.95 3.52
C CYS A 52 2.28 -11.36 4.79
N PRO A 53 2.70 -12.67 4.92
CA PRO A 53 3.56 -13.15 6.02
C PRO A 53 4.93 -12.41 6.07
N THR A 54 5.41 -11.99 4.89
CA THR A 54 6.71 -11.27 4.74
C THR A 54 6.62 -9.78 5.13
N PHE A 55 5.40 -9.30 5.47
CA PHE A 55 5.18 -7.91 5.91
C PHE A 55 5.37 -7.78 7.43
N LEU A 56 6.28 -6.89 7.84
CA LEU A 56 6.44 -6.50 9.25
C LEU A 56 5.41 -5.40 9.56
N ARG A 57 4.53 -5.65 10.54
CA ARG A 57 3.43 -4.74 10.87
C ARG A 57 3.96 -3.37 11.38
N MET A 58 3.56 -2.30 10.69
CA MET A 58 3.91 -0.92 11.02
C MET A 58 2.67 -0.17 11.53
N ASP A 59 2.91 0.97 12.23
CA ASP A 59 1.83 1.89 12.66
C ASP A 59 1.22 2.60 11.44
N ASN A 60 0.05 3.24 11.63
CA ASN A 60 -0.64 4.00 10.57
C ASN A 60 0.17 5.24 10.18
N ASN A 61 0.89 5.83 11.17
CA ASN A 61 1.85 6.94 10.93
C ASN A 61 2.98 6.48 10.00
N ALA A 62 3.55 5.31 10.31
CA ALA A 62 4.66 4.71 9.54
C ALA A 62 4.17 4.26 8.16
N ALA A 63 2.89 3.85 8.10
CA ALA A 63 2.24 3.39 6.86
C ALA A 63 1.82 4.58 5.98
N ALA A 64 1.65 5.76 6.60
CA ALA A 64 1.35 7.01 5.88
C ALA A 64 2.62 7.52 5.17
N ILE A 65 3.75 7.50 5.89
CA ILE A 65 5.07 7.85 5.32
C ILE A 65 5.41 6.87 4.19
N LYS A 66 5.27 5.57 4.48
CA LYS A 66 5.60 4.48 3.56
C LYS A 66 4.62 4.46 2.36
N ALA A 67 3.40 5.02 2.56
CA ALA A 67 2.42 5.21 1.47
C ALA A 67 2.99 6.17 0.42
N LEU A 68 3.56 7.28 0.89
CA LEU A 68 4.21 8.29 0.03
C LEU A 68 5.51 7.74 -0.60
N GLU A 69 6.24 6.86 0.12
CA GLU A 69 7.48 6.22 -0.39
C GLU A 69 7.14 5.29 -1.57
N LEU A 70 6.15 4.42 -1.35
CA LEU A 70 5.67 3.46 -2.36
C LEU A 70 4.99 4.18 -3.54
N TYR A 71 4.37 5.33 -3.25
CA TYR A 71 3.72 6.18 -4.25
C TYR A 71 4.77 6.83 -5.19
N LYS A 72 5.81 7.47 -4.60
CA LYS A 72 6.79 8.27 -5.37
C LYS A 72 7.68 7.37 -6.27
N ILE A 73 7.92 6.13 -5.80
CA ILE A 73 8.72 5.14 -6.56
C ILE A 73 7.84 4.37 -7.57
N ASN A 74 6.50 4.47 -7.39
CA ASN A 74 5.49 3.73 -8.18
C ASN A 74 5.72 2.20 -8.03
N ALA A 75 5.50 1.71 -6.80
CA ALA A 75 5.74 0.31 -6.42
C ALA A 75 4.57 -0.60 -6.86
N LYS A 76 4.67 -1.89 -6.46
CA LYS A 76 3.60 -2.87 -6.65
C LYS A 76 2.39 -2.49 -5.80
N LEU A 77 1.22 -2.44 -6.42
CA LEU A 77 -0.03 -2.08 -5.75
C LEU A 77 -1.04 -3.23 -5.88
N CYS A 78 -1.86 -3.42 -4.84
CA CYS A 78 -2.99 -4.36 -4.85
C CYS A 78 -4.30 -3.55 -4.90
N ASP A 79 -5.00 -3.63 -6.03
CA ASP A 79 -6.31 -2.99 -6.23
C ASP A 79 -7.28 -4.03 -6.84
N PRO A 80 -8.64 -3.87 -6.65
CA PRO A 80 -9.62 -4.79 -7.28
C PRO A 80 -9.59 -4.63 -8.81
N HIS A 81 -9.31 -5.74 -9.53
CA HIS A 81 -9.28 -5.78 -11.00
C HIS A 81 -10.48 -6.59 -11.52
N PRO A 82 -11.67 -5.94 -11.77
CA PRO A 82 -12.87 -6.63 -12.32
C PRO A 82 -12.70 -6.96 -13.84
ZN ZN B . -1.44 -7.49 -1.40
N MET A 19 -6.53 17.28 -13.00
CA MET A 19 -7.41 16.17 -12.56
C MET A 19 -6.59 15.07 -11.83
N LYS A 20 -5.25 15.15 -11.95
CA LYS A 20 -4.32 14.18 -11.35
C LYS A 20 -4.14 14.45 -9.84
N ARG A 21 -4.71 15.56 -9.31
CA ARG A 21 -4.76 15.81 -7.85
C ARG A 21 -5.59 14.70 -7.17
N ALA A 22 -6.76 14.41 -7.77
CA ALA A 22 -7.67 13.36 -7.29
C ALA A 22 -7.02 11.98 -7.46
N ALA A 23 -6.38 11.77 -8.62
CA ALA A 23 -5.69 10.50 -8.96
C ALA A 23 -4.48 10.23 -8.04
N ALA A 24 -3.79 11.32 -7.66
CA ALA A 24 -2.63 11.28 -6.74
C ALA A 24 -3.11 10.92 -5.33
N LYS A 25 -4.21 11.59 -4.91
CA LYS A 25 -4.87 11.35 -3.62
C LYS A 25 -5.36 9.89 -3.53
N HIS A 26 -5.85 9.38 -4.67
CA HIS A 26 -6.34 8.00 -4.80
C HIS A 26 -5.18 7.00 -4.72
N LEU A 27 -4.03 7.34 -5.34
CA LEU A 27 -2.82 6.48 -5.34
C LEU A 27 -2.19 6.41 -3.94
N ILE A 28 -2.16 7.55 -3.25
CA ILE A 28 -1.72 7.64 -1.84
C ILE A 28 -2.65 6.78 -0.96
N GLU A 29 -3.96 6.84 -1.27
CA GLU A 29 -5.00 6.04 -0.61
C GLU A 29 -4.77 4.54 -0.91
N ARG A 30 -4.38 4.20 -2.17
CA ARG A 30 -4.20 2.80 -2.61
C ARG A 30 -3.05 2.12 -1.86
N TYR A 31 -1.91 2.84 -1.76
CA TYR A 31 -0.72 2.34 -1.07
C TYR A 31 -0.94 2.31 0.46
N TYR A 32 -1.65 3.32 1.00
CA TYR A 32 -1.98 3.38 2.46
C TYR A 32 -2.94 2.23 2.84
N HIS A 33 -3.89 1.97 1.94
CA HIS A 33 -4.90 0.89 2.06
C HIS A 33 -4.18 -0.47 2.01
N GLN A 34 -3.13 -0.52 1.18
CA GLN A 34 -2.28 -1.69 1.01
C GLN A 34 -1.49 -1.99 2.30
N LEU A 35 -0.91 -0.94 2.93
CA LEU A 35 -0.12 -1.09 4.19
C LEU A 35 -1.00 -1.48 5.39
N THR A 36 -2.21 -0.92 5.47
CA THR A 36 -3.09 -1.10 6.64
C THR A 36 -3.92 -2.39 6.54
N GLU A 37 -4.71 -2.49 5.46
CA GLU A 37 -5.65 -3.59 5.24
C GLU A 37 -4.98 -4.71 4.44
N GLY A 38 -4.55 -4.39 3.21
CA GLY A 38 -3.93 -5.37 2.31
C GLY A 38 -4.87 -5.70 1.14
N CYS A 39 -5.33 -6.96 1.07
CA CYS A 39 -6.28 -7.42 0.02
C CYS A 39 -7.05 -8.70 0.42
N GLY A 40 -6.80 -9.21 1.64
CA GLY A 40 -7.45 -10.43 2.15
C GLY A 40 -6.73 -11.72 1.76
N ASN A 41 -6.45 -11.86 0.45
CA ASN A 41 -5.87 -13.09 -0.14
C ASN A 41 -4.50 -13.42 0.45
N GLU A 42 -4.45 -14.51 1.24
CA GLU A 42 -3.24 -15.05 1.90
C GLU A 42 -2.06 -15.26 0.91
N ALA A 43 -2.36 -15.74 -0.32
CA ALA A 43 -1.35 -15.99 -1.37
C ALA A 43 -1.03 -14.68 -2.11
N CYS A 44 -0.38 -13.77 -1.38
CA CYS A 44 0.02 -12.45 -1.87
C CYS A 44 1.48 -12.19 -1.47
N THR A 45 2.39 -12.25 -2.46
CA THR A 45 3.83 -12.05 -2.25
C THR A 45 4.18 -10.57 -2.50
N ASN A 46 3.73 -9.74 -1.56
CA ASN A 46 3.95 -8.29 -1.55
C ASN A 46 4.22 -7.84 -0.10
N GLU A 47 5.49 -7.53 0.19
CA GLU A 47 5.97 -7.06 1.53
C GLU A 47 5.34 -5.73 1.96
N PHE A 48 4.87 -4.95 0.96
CA PHE A 48 4.22 -3.65 1.17
C PHE A 48 2.70 -3.80 1.44
N CYS A 49 2.19 -5.04 1.38
CA CYS A 49 0.76 -5.37 1.50
C CYS A 49 0.53 -6.11 2.83
N ALA A 50 -0.47 -5.67 3.62
CA ALA A 50 -0.74 -6.22 4.95
C ALA A 50 -1.40 -7.60 4.87
N SER A 51 -1.18 -8.41 5.93
CA SER A 51 -1.61 -9.84 6.02
C SER A 51 -0.76 -10.76 5.11
N CYS A 52 0.26 -10.20 4.43
CA CYS A 52 1.25 -11.00 3.68
C CYS A 52 2.37 -11.47 4.64
N PRO A 53 2.99 -12.67 4.40
CA PRO A 53 4.09 -13.21 5.26
C PRO A 53 5.32 -12.26 5.25
N THR A 54 5.58 -11.65 4.10
CA THR A 54 6.71 -10.73 3.89
C THR A 54 6.47 -9.33 4.53
N PHE A 55 5.22 -9.06 4.96
CA PHE A 55 4.85 -7.81 5.65
C PHE A 55 5.12 -7.93 7.16
N LEU A 56 5.69 -6.86 7.74
CA LEU A 56 5.87 -6.71 9.19
C LEU A 56 4.99 -5.53 9.68
N ARG A 57 4.51 -5.62 10.93
CA ARG A 57 3.57 -4.65 11.51
C ARG A 57 4.25 -3.29 11.74
N MET A 58 3.62 -2.25 11.19
CA MET A 58 4.10 -0.84 11.24
C MET A 58 3.27 -0.02 12.23
N ASP A 59 3.71 1.23 12.47
CA ASP A 59 2.92 2.25 13.20
C ASP A 59 2.08 3.05 12.17
N ASN A 60 1.08 3.81 12.65
CA ASN A 60 0.19 4.62 11.79
C ASN A 60 0.98 5.73 11.05
N ASN A 61 1.98 6.33 11.76
CA ASN A 61 2.93 7.28 11.17
C ASN A 61 3.74 6.58 10.06
N ALA A 62 4.28 5.39 10.39
CA ALA A 62 5.12 4.58 9.48
C ALA A 62 4.32 4.12 8.24
N ALA A 63 3.00 3.93 8.41
CA ALA A 63 2.08 3.50 7.34
C ALA A 63 1.89 4.62 6.31
N ALA A 64 1.74 5.86 6.82
CA ALA A 64 1.56 7.06 5.97
C ALA A 64 2.84 7.39 5.19
N ILE A 65 3.99 7.36 5.89
CA ILE A 65 5.31 7.62 5.30
C ILE A 65 5.60 6.60 4.19
N LYS A 66 5.39 5.30 4.52
CA LYS A 66 5.65 4.17 3.60
C LYS A 66 4.72 4.27 2.36
N ALA A 67 3.46 4.70 2.59
CA ALA A 67 2.47 4.90 1.51
C ALA A 67 2.98 5.92 0.48
N LEU A 68 3.59 7.01 0.99
CA LEU A 68 4.15 8.10 0.16
C LEU A 68 5.47 7.69 -0.51
N GLU A 69 6.25 6.80 0.15
CA GLU A 69 7.48 6.23 -0.43
C GLU A 69 7.15 5.43 -1.70
N LEU A 70 6.13 4.57 -1.57
CA LEU A 70 5.70 3.68 -2.65
C LEU A 70 4.95 4.45 -3.74
N TYR A 71 4.27 5.52 -3.33
CA TYR A 71 3.55 6.44 -4.23
C TYR A 71 4.54 7.14 -5.18
N LYS A 72 5.63 7.67 -4.62
CA LYS A 72 6.58 8.51 -5.39
C LYS A 72 7.46 7.64 -6.32
N ILE A 73 7.80 6.41 -5.88
CA ILE A 73 8.64 5.48 -6.67
C ILE A 73 7.80 4.62 -7.63
N ASN A 74 6.45 4.61 -7.40
CA ASN A 74 5.48 3.77 -8.14
C ASN A 74 5.84 2.27 -8.00
N ALA A 75 5.76 1.79 -6.74
CA ALA A 75 6.11 0.40 -6.39
C ALA A 75 4.99 -0.57 -6.79
N LYS A 76 5.24 -1.87 -6.54
CA LYS A 76 4.28 -2.96 -6.78
C LYS A 76 2.98 -2.70 -5.96
N LEU A 77 2.00 -2.10 -6.66
CA LEU A 77 0.68 -1.81 -6.10
C LEU A 77 -0.21 -3.03 -6.31
N CYS A 78 -0.79 -3.52 -5.22
CA CYS A 78 -1.56 -4.75 -5.21
C CYS A 78 -2.97 -4.48 -5.76
N ASP A 79 -3.19 -4.89 -7.03
CA ASP A 79 -4.46 -4.65 -7.75
C ASP A 79 -5.61 -5.47 -7.12
N PRO A 80 -6.88 -4.95 -7.11
CA PRO A 80 -8.02 -5.61 -6.46
C PRO A 80 -8.54 -6.80 -7.31
N HIS A 81 -8.47 -8.01 -6.74
CA HIS A 81 -9.00 -9.24 -7.35
C HIS A 81 -10.43 -9.48 -6.82
N PRO A 82 -11.50 -9.28 -7.66
CA PRO A 82 -12.90 -9.56 -7.26
C PRO A 82 -13.12 -11.05 -6.87
ZN ZN B . -2.07 -8.01 -1.60
N MET A 19 1.33 17.89 -8.10
CA MET A 19 -0.03 18.30 -7.71
C MET A 19 -0.87 17.04 -7.44
N LYS A 20 -1.29 16.85 -6.17
CA LYS A 20 -2.06 15.67 -5.76
C LYS A 20 -3.57 15.92 -5.96
N ARG A 21 -4.05 15.58 -7.16
CA ARG A 21 -5.49 15.63 -7.54
C ARG A 21 -6.13 14.25 -7.35
N ALA A 22 -7.40 14.09 -7.80
CA ALA A 22 -8.26 12.90 -7.51
C ALA A 22 -7.52 11.55 -7.65
N ALA A 23 -6.98 11.26 -8.85
CA ALA A 23 -6.31 9.99 -9.18
C ALA A 23 -5.06 9.75 -8.31
N ALA A 24 -4.32 10.84 -8.03
CA ALA A 24 -3.10 10.82 -7.23
C ALA A 24 -3.40 10.54 -5.75
N LYS A 25 -4.53 11.09 -5.28
CA LYS A 25 -5.01 10.93 -3.90
C LYS A 25 -5.51 9.50 -3.68
N HIS A 26 -6.21 8.95 -4.70
CA HIS A 26 -6.66 7.54 -4.70
C HIS A 26 -5.47 6.59 -4.66
N LEU A 27 -4.36 6.99 -5.31
CA LEU A 27 -3.10 6.22 -5.34
C LEU A 27 -2.40 6.27 -3.97
N ILE A 28 -2.46 7.43 -3.29
CA ILE A 28 -1.92 7.57 -1.92
C ILE A 28 -2.73 6.66 -0.96
N GLU A 29 -4.07 6.63 -1.17
CA GLU A 29 -5.01 5.75 -0.45
C GLU A 29 -4.72 4.27 -0.78
N ARG A 30 -4.35 3.97 -2.05
CA ARG A 30 -4.01 2.60 -2.50
C ARG A 30 -2.83 2.07 -1.71
N TYR A 31 -1.75 2.88 -1.64
CA TYR A 31 -0.52 2.52 -0.92
C TYR A 31 -0.75 2.52 0.60
N TYR A 32 -1.49 3.52 1.12
CA TYR A 32 -1.74 3.65 2.58
C TYR A 32 -2.48 2.42 3.13
N HIS A 33 -3.60 2.10 2.46
CA HIS A 33 -4.44 0.95 2.81
C HIS A 33 -3.77 -0.37 2.42
N GLN A 34 -2.78 -0.31 1.51
CA GLN A 34 -1.88 -1.46 1.24
C GLN A 34 -1.00 -1.76 2.49
N LEU A 35 -0.45 -0.70 3.14
CA LEU A 35 0.42 -0.89 4.34
C LEU A 35 -0.40 -1.16 5.62
N THR A 36 -1.66 -0.69 5.68
CA THR A 36 -2.52 -0.85 6.87
C THR A 36 -3.39 -2.13 6.79
N GLU A 37 -4.21 -2.22 5.72
CA GLU A 37 -5.17 -3.32 5.52
C GLU A 37 -4.52 -4.48 4.76
N GLY A 38 -3.77 -4.11 3.70
CA GLY A 38 -3.21 -5.06 2.76
C GLY A 38 -4.13 -5.28 1.59
N CYS A 39 -4.73 -6.47 1.54
CA CYS A 39 -5.79 -6.82 0.57
C CYS A 39 -6.71 -7.93 1.11
N GLY A 40 -6.47 -8.40 2.36
CA GLY A 40 -7.22 -9.53 2.94
C GLY A 40 -6.71 -10.90 2.47
N ASN A 41 -6.36 -11.00 1.15
CA ASN A 41 -5.84 -12.21 0.50
C ASN A 41 -4.62 -12.78 1.26
N GLU A 42 -4.80 -13.99 1.83
CA GLU A 42 -3.76 -14.71 2.60
C GLU A 42 -2.63 -15.21 1.68
N ALA A 43 -3.01 -15.66 0.46
CA ALA A 43 -2.07 -16.16 -0.57
C ALA A 43 -1.63 -15.01 -1.50
N CYS A 44 -1.27 -13.88 -0.86
CA CYS A 44 -0.85 -12.65 -1.54
C CYS A 44 0.58 -12.77 -2.10
N THR A 45 0.94 -11.88 -3.04
CA THR A 45 2.27 -11.85 -3.65
C THR A 45 2.79 -10.38 -3.78
N ASN A 46 3.14 -9.78 -2.62
CA ASN A 46 3.75 -8.44 -2.54
C ASN A 46 4.38 -8.27 -1.14
N GLU A 47 5.68 -7.93 -1.10
CA GLU A 47 6.43 -7.71 0.16
C GLU A 47 5.94 -6.45 0.87
N PHE A 48 5.56 -5.44 0.07
CA PHE A 48 4.92 -4.21 0.57
C PHE A 48 3.39 -4.44 0.53
N CYS A 49 2.88 -5.19 1.52
CA CYS A 49 1.42 -5.42 1.67
C CYS A 49 1.12 -6.05 3.01
N ALA A 50 0.22 -5.43 3.80
CA ALA A 50 -0.20 -5.93 5.11
C ALA A 50 -1.07 -7.19 4.93
N SER A 51 -1.20 -7.97 6.02
CA SER A 51 -1.89 -9.28 6.00
C SER A 51 -1.15 -10.30 5.09
N CYS A 52 0.12 -10.00 4.70
CA CYS A 52 0.97 -10.90 3.92
C CYS A 52 2.20 -11.30 4.77
N PRO A 53 2.67 -12.60 4.69
CA PRO A 53 3.81 -13.09 5.51
C PRO A 53 5.16 -12.45 5.09
N THR A 54 5.19 -11.90 3.87
CA THR A 54 6.35 -11.18 3.32
C THR A 54 6.50 -9.76 3.93
N PHE A 55 5.49 -9.33 4.73
CA PHE A 55 5.47 -8.00 5.35
C PHE A 55 5.34 -8.11 6.87
N LEU A 56 6.24 -7.41 7.59
CA LEU A 56 6.15 -7.22 9.04
C LEU A 56 5.35 -5.94 9.31
N ARG A 57 4.38 -6.02 10.23
CA ARG A 57 3.41 -4.94 10.52
C ARG A 57 4.08 -3.60 10.92
N MET A 58 3.44 -2.49 10.50
CA MET A 58 3.80 -1.13 10.92
C MET A 58 2.53 -0.38 11.35
N ASP A 59 2.70 0.64 12.22
CA ASP A 59 1.58 1.49 12.68
C ASP A 59 1.11 2.42 11.55
N ASN A 60 -0.06 3.07 11.74
CA ASN A 60 -0.74 3.85 10.70
C ASN A 60 0.03 5.14 10.32
N ASN A 61 0.82 5.67 11.27
CA ASN A 61 1.67 6.86 11.04
C ASN A 61 2.85 6.50 10.12
N ALA A 62 3.48 5.35 10.45
CA ALA A 62 4.58 4.77 9.68
C ALA A 62 4.10 4.31 8.29
N ALA A 63 2.82 3.87 8.24
CA ALA A 63 2.17 3.39 7.01
C ALA A 63 1.80 4.55 6.08
N ALA A 64 1.52 5.73 6.67
CA ALA A 64 1.21 6.96 5.93
C ALA A 64 2.47 7.50 5.23
N ILE A 65 3.60 7.49 5.98
CA ILE A 65 4.91 7.86 5.44
C ILE A 65 5.27 6.89 4.29
N LYS A 66 5.20 5.58 4.59
CA LYS A 66 5.57 4.50 3.65
C LYS A 66 4.65 4.51 2.40
N ALA A 67 3.41 5.02 2.56
CA ALA A 67 2.47 5.23 1.45
C ALA A 67 3.05 6.19 0.42
N LEU A 68 3.51 7.37 0.91
CA LEU A 68 4.11 8.41 0.05
C LEU A 68 5.51 8.01 -0.45
N GLU A 69 6.24 7.18 0.32
CA GLU A 69 7.56 6.67 -0.08
C GLU A 69 7.41 5.77 -1.31
N LEU A 70 6.50 4.78 -1.20
CA LEU A 70 6.21 3.81 -2.27
C LEU A 70 5.50 4.46 -3.45
N TYR A 71 4.76 5.56 -3.18
CA TYR A 71 4.05 6.31 -4.22
C TYR A 71 5.05 7.04 -5.15
N LYS A 72 6.01 7.77 -4.56
CA LYS A 72 6.92 8.64 -5.35
C LYS A 72 7.97 7.82 -6.11
N ILE A 73 8.40 6.68 -5.52
CA ILE A 73 9.34 5.75 -6.19
C ILE A 73 8.60 4.85 -7.19
N ASN A 74 7.25 4.82 -7.07
CA ASN A 74 6.35 3.99 -7.88
C ASN A 74 6.73 2.50 -7.75
N ALA A 75 6.61 2.01 -6.51
CA ALA A 75 6.84 0.60 -6.16
C ALA A 75 5.63 -0.26 -6.58
N LYS A 76 5.82 -1.58 -6.52
CA LYS A 76 4.75 -2.54 -6.86
C LYS A 76 3.54 -2.38 -5.91
N LEU A 77 2.38 -2.13 -6.50
CA LEU A 77 1.12 -1.91 -5.78
C LEU A 77 0.27 -3.19 -5.85
N CYS A 78 -0.54 -3.43 -4.81
CA CYS A 78 -1.36 -4.66 -4.70
C CYS A 78 -2.84 -4.32 -4.97
N ASP A 79 -3.06 -3.48 -5.98
CA ASP A 79 -4.39 -3.01 -6.43
C ASP A 79 -5.10 -4.09 -7.28
N PRO A 80 -6.47 -4.02 -7.46
CA PRO A 80 -7.24 -5.00 -8.29
C PRO A 80 -6.72 -5.09 -9.74
N HIS A 81 -6.35 -6.32 -10.17
CA HIS A 81 -5.81 -6.59 -11.53
C HIS A 81 -6.96 -6.60 -12.58
N PRO A 82 -6.94 -5.68 -13.60
CA PRO A 82 -7.97 -5.64 -14.67
C PRO A 82 -7.90 -6.89 -15.59
ZN ZN B . -1.74 -8.02 -1.13
N MET A 19 -6.51 16.50 -14.85
CA MET A 19 -5.88 16.75 -13.53
C MET A 19 -5.53 15.42 -12.86
N LYS A 20 -4.31 15.32 -12.31
CA LYS A 20 -3.79 14.08 -11.66
C LYS A 20 -4.00 14.08 -10.13
N ARG A 21 -4.54 15.18 -9.57
CA ARG A 21 -4.58 15.39 -8.09
C ARG A 21 -5.44 14.34 -7.35
N ALA A 22 -6.59 13.97 -7.96
CA ALA A 22 -7.49 12.95 -7.39
C ALA A 22 -6.83 11.57 -7.50
N ALA A 23 -6.25 11.28 -8.67
CA ALA A 23 -5.53 10.02 -8.95
C ALA A 23 -4.33 9.84 -7.99
N ALA A 24 -3.71 10.98 -7.65
CA ALA A 24 -2.55 11.04 -6.74
C ALA A 24 -2.97 10.62 -5.33
N LYS A 25 -4.06 11.24 -4.85
CA LYS A 25 -4.64 10.96 -3.53
C LYS A 25 -5.10 9.50 -3.42
N HIS A 26 -5.74 9.01 -4.50
CA HIS A 26 -6.29 7.64 -4.57
C HIS A 26 -5.15 6.62 -4.52
N LEU A 27 -4.06 6.90 -5.27
CA LEU A 27 -2.87 6.03 -5.33
C LEU A 27 -2.19 5.93 -3.96
N ILE A 28 -2.04 7.08 -3.28
CA ILE A 28 -1.52 7.17 -1.90
C ILE A 28 -2.42 6.34 -0.96
N GLU A 29 -3.74 6.44 -1.18
CA GLU A 29 -4.77 5.76 -0.38
C GLU A 29 -4.72 4.24 -0.62
N ARG A 30 -4.35 3.83 -1.85
CA ARG A 30 -4.21 2.40 -2.23
C ARG A 30 -2.96 1.81 -1.56
N TYR A 31 -1.85 2.58 -1.60
CA TYR A 31 -0.57 2.20 -0.95
C TYR A 31 -0.72 2.19 0.60
N TYR A 32 -1.56 3.11 1.13
CA TYR A 32 -1.82 3.24 2.57
C TYR A 32 -2.62 2.03 3.08
N HIS A 33 -3.79 1.80 2.44
CA HIS A 33 -4.69 0.65 2.75
C HIS A 33 -4.01 -0.69 2.48
N GLN A 34 -3.03 -0.67 1.58
CA GLN A 34 -2.18 -1.82 1.26
C GLN A 34 -1.32 -2.23 2.47
N LEU A 35 -0.66 -1.25 3.10
CA LEU A 35 0.25 -1.50 4.24
C LEU A 35 -0.53 -1.79 5.53
N THR A 36 -1.59 -0.98 5.77
CA THR A 36 -2.38 -1.03 7.00
C THR A 36 -3.35 -2.24 7.01
N GLU A 37 -4.25 -2.27 6.01
CA GLU A 37 -5.37 -3.23 5.97
C GLU A 37 -5.00 -4.47 5.14
N GLY A 38 -4.25 -4.25 4.05
CA GLY A 38 -3.95 -5.27 3.05
C GLY A 38 -4.90 -5.23 1.87
N CYS A 39 -5.44 -6.40 1.53
CA CYS A 39 -6.34 -6.59 0.37
C CYS A 39 -7.38 -7.70 0.61
N GLY A 40 -7.35 -8.31 1.81
CA GLY A 40 -8.17 -9.49 2.11
C GLY A 40 -7.50 -10.81 1.72
N ASN A 41 -6.70 -10.78 0.62
CA ASN A 41 -6.01 -11.98 0.07
C ASN A 41 -5.08 -12.64 1.11
N GLU A 42 -5.46 -13.89 1.48
CA GLU A 42 -4.80 -14.67 2.55
C GLU A 42 -3.32 -14.99 2.22
N ALA A 43 -3.05 -15.53 1.02
CA ALA A 43 -1.69 -15.94 0.59
C ALA A 43 -1.15 -14.91 -0.41
N CYS A 44 -1.16 -13.63 0.00
CA CYS A 44 -0.71 -12.51 -0.83
C CYS A 44 0.82 -12.46 -0.94
N THR A 45 1.34 -12.18 -2.15
CA THR A 45 2.79 -12.15 -2.43
C THR A 45 3.22 -10.73 -2.87
N ASN A 46 3.31 -9.84 -1.88
CA ASN A 46 3.79 -8.46 -2.07
C ASN A 46 4.50 -8.01 -0.79
N GLU A 47 5.81 -7.75 -0.91
CA GLU A 47 6.68 -7.26 0.19
C GLU A 47 6.11 -5.99 0.87
N PHE A 48 5.42 -5.17 0.06
CA PHE A 48 4.66 -4.02 0.54
C PHE A 48 3.16 -4.37 0.49
N CYS A 49 2.66 -5.20 1.43
CA CYS A 49 1.20 -5.44 1.58
C CYS A 49 0.91 -6.27 2.83
N ALA A 50 -0.14 -5.93 3.57
CA ALA A 50 -0.59 -6.71 4.73
C ALA A 50 -1.23 -8.03 4.26
N SER A 51 -1.15 -9.06 5.13
CA SER A 51 -1.49 -10.46 4.81
C SER A 51 -0.45 -11.09 3.85
N CYS A 52 0.75 -10.48 3.76
CA CYS A 52 1.91 -11.08 3.07
C CYS A 52 2.99 -11.40 4.11
N PRO A 53 3.56 -12.65 4.13
CA PRO A 53 4.60 -13.03 5.13
C PRO A 53 5.90 -12.20 4.96
N THR A 54 6.08 -11.66 3.74
CA THR A 54 7.18 -10.78 3.36
C THR A 54 7.08 -9.37 4.02
N PHE A 55 5.84 -8.98 4.39
CA PHE A 55 5.56 -7.69 5.04
C PHE A 55 5.45 -7.86 6.55
N LEU A 56 6.00 -6.88 7.30
CA LEU A 56 5.90 -6.82 8.77
C LEU A 56 5.04 -5.62 9.17
N ARG A 57 4.31 -5.77 10.29
CA ARG A 57 3.31 -4.78 10.76
C ARG A 57 3.93 -3.44 11.17
N MET A 58 3.27 -2.35 10.77
CA MET A 58 3.68 -0.98 11.10
C MET A 58 2.45 -0.16 11.53
N ASP A 59 2.69 0.93 12.24
CA ASP A 59 1.64 1.88 12.67
C ASP A 59 1.11 2.68 11.48
N ASN A 60 -0.08 3.27 11.63
CA ASN A 60 -0.72 4.11 10.59
C ASN A 60 0.12 5.36 10.27
N ASN A 61 0.93 5.78 11.25
CA ASN A 61 1.90 6.88 11.09
C ASN A 61 2.98 6.46 10.08
N ALA A 62 3.61 5.31 10.37
CA ALA A 62 4.70 4.74 9.55
C ALA A 62 4.21 4.35 8.14
N ALA A 63 2.95 3.89 8.08
CA ALA A 63 2.32 3.42 6.84
C ALA A 63 1.87 4.58 5.96
N ALA A 64 1.53 5.73 6.59
CA ALA A 64 1.16 6.97 5.85
C ALA A 64 2.39 7.56 5.16
N ILE A 65 3.52 7.62 5.91
CA ILE A 65 4.80 8.08 5.38
C ILE A 65 5.25 7.16 4.24
N LYS A 66 5.21 5.84 4.49
CA LYS A 66 5.66 4.82 3.54
C LYS A 66 4.71 4.77 2.31
N ALA A 67 3.43 5.18 2.49
CA ALA A 67 2.46 5.29 1.37
C ALA A 67 2.91 6.36 0.37
N LEU A 68 3.37 7.50 0.91
CA LEU A 68 3.93 8.61 0.12
C LEU A 68 5.25 8.18 -0.57
N GLU A 69 6.07 7.40 0.14
CA GLU A 69 7.36 6.91 -0.39
C GLU A 69 7.14 5.93 -1.55
N LEU A 70 6.18 5.02 -1.35
CA LEU A 70 5.82 3.99 -2.35
C LEU A 70 5.13 4.62 -3.56
N TYR A 71 4.48 5.78 -3.36
CA TYR A 71 3.86 6.52 -4.46
C TYR A 71 4.92 7.26 -5.30
N LYS A 72 5.87 7.95 -4.62
CA LYS A 72 6.88 8.79 -5.30
C LYS A 72 7.93 7.95 -6.06
N ILE A 73 8.16 6.72 -5.58
CA ILE A 73 9.04 5.75 -6.26
C ILE A 73 8.23 4.91 -7.27
N ASN A 74 6.90 4.87 -7.05
CA ASN A 74 5.95 4.01 -7.78
C ASN A 74 6.37 2.53 -7.66
N ALA A 75 6.12 1.98 -6.47
CA ALA A 75 6.43 0.59 -6.12
C ALA A 75 5.36 -0.38 -6.67
N LYS A 76 5.58 -1.67 -6.41
CA LYS A 76 4.62 -2.73 -6.75
C LYS A 76 3.36 -2.60 -5.88
N LEU A 77 2.31 -2.05 -6.51
CA LEU A 77 1.01 -1.85 -5.88
C LEU A 77 0.18 -3.16 -5.99
N CYS A 78 -0.65 -3.42 -4.97
CA CYS A 78 -1.51 -4.62 -4.88
C CYS A 78 -2.96 -4.26 -5.26
N ASP A 79 -3.07 -3.32 -6.21
CA ASP A 79 -4.33 -2.79 -6.72
C ASP A 79 -4.19 -2.67 -8.26
N PRO A 80 -5.18 -3.18 -9.06
CA PRO A 80 -4.96 -3.47 -10.50
C PRO A 80 -4.99 -2.20 -11.39
N HIS A 81 -3.82 -1.84 -11.95
CA HIS A 81 -3.67 -0.75 -12.94
C HIS A 81 -3.00 -1.33 -14.21
N PRO A 82 -3.79 -1.71 -15.27
CA PRO A 82 -3.23 -2.24 -16.55
C PRO A 82 -2.35 -1.19 -17.27
ZN ZN B . -2.14 -7.81 -1.19
N MET A 19 1.30 15.09 -10.16
CA MET A 19 0.20 15.98 -10.63
C MET A 19 -1.16 15.36 -10.27
N LYS A 20 -2.24 16.17 -10.44
CA LYS A 20 -3.64 15.77 -10.16
C LYS A 20 -3.77 15.33 -8.67
N ARG A 21 -3.66 16.30 -7.76
CA ARG A 21 -3.42 16.05 -6.30
C ARG A 21 -4.54 15.21 -5.63
N ALA A 22 -5.80 15.37 -6.09
CA ALA A 22 -6.95 14.65 -5.51
C ALA A 22 -6.89 13.14 -5.81
N ALA A 23 -6.78 12.79 -7.11
CA ALA A 23 -6.67 11.38 -7.56
C ALA A 23 -5.31 10.77 -7.15
N ALA A 24 -4.28 11.63 -7.03
CA ALA A 24 -2.93 11.25 -6.57
C ALA A 24 -2.94 10.87 -5.09
N LYS A 25 -3.71 11.62 -4.29
CA LYS A 25 -3.89 11.37 -2.85
C LYS A 25 -4.72 10.08 -2.65
N HIS A 26 -5.68 9.85 -3.56
CA HIS A 26 -6.49 8.62 -3.55
C HIS A 26 -5.65 7.41 -4.04
N LEU A 27 -4.59 7.68 -4.84
CA LEU A 27 -3.63 6.67 -5.30
C LEU A 27 -2.65 6.33 -4.15
N ILE A 28 -2.33 7.36 -3.33
CA ILE A 28 -1.61 7.19 -2.07
C ILE A 28 -2.46 6.33 -1.11
N GLU A 29 -3.79 6.55 -1.16
CA GLU A 29 -4.78 5.78 -0.38
C GLU A 29 -4.85 4.31 -0.87
N ARG A 30 -4.57 4.08 -2.17
CA ARG A 30 -4.46 2.70 -2.74
C ARG A 30 -3.28 1.96 -2.08
N TYR A 31 -2.13 2.67 -1.96
CA TYR A 31 -0.91 2.15 -1.31
C TYR A 31 -1.04 2.10 0.22
N TYR A 32 -1.83 3.04 0.79
CA TYR A 32 -2.03 3.15 2.24
C TYR A 32 -2.92 1.99 2.71
N HIS A 33 -3.98 1.74 1.93
CA HIS A 33 -4.90 0.60 2.12
C HIS A 33 -4.14 -0.72 1.93
N GLN A 34 -3.19 -0.72 0.99
CA GLN A 34 -2.32 -1.88 0.70
C GLN A 34 -1.41 -2.23 1.90
N LEU A 35 -1.05 -1.21 2.70
CA LEU A 35 -0.21 -1.40 3.91
C LEU A 35 -1.06 -1.77 5.14
N THR A 36 -2.11 -0.96 5.41
CA THR A 36 -2.90 -1.06 6.66
C THR A 36 -3.89 -2.23 6.61
N GLU A 37 -4.51 -2.46 5.45
CA GLU A 37 -5.50 -3.53 5.25
C GLU A 37 -4.88 -4.71 4.48
N GLY A 38 -4.09 -4.36 3.46
CA GLY A 38 -3.53 -5.34 2.54
C GLY A 38 -4.37 -5.47 1.29
N CYS A 39 -4.72 -6.71 0.95
CA CYS A 39 -5.54 -7.02 -0.24
C CYS A 39 -6.34 -8.33 -0.06
N GLY A 40 -6.47 -8.82 1.19
CA GLY A 40 -7.30 -10.00 1.48
C GLY A 40 -6.61 -11.34 1.20
N ASN A 41 -5.73 -11.38 0.17
CA ASN A 41 -5.01 -12.59 -0.26
C ASN A 41 -4.21 -13.21 0.89
N GLU A 42 -4.61 -14.42 1.32
CA GLU A 42 -3.97 -15.15 2.46
C GLU A 42 -2.45 -15.38 2.24
N ALA A 43 -2.02 -15.41 0.96
CA ALA A 43 -0.61 -15.55 0.59
C ALA A 43 -0.26 -14.55 -0.52
N CYS A 44 -0.19 -13.25 -0.15
CA CYS A 44 0.26 -12.18 -1.07
C CYS A 44 1.79 -12.16 -1.12
N THR A 45 2.33 -11.89 -2.32
CA THR A 45 3.79 -11.93 -2.57
C THR A 45 4.35 -10.50 -2.82
N ASN A 46 4.22 -9.63 -1.78
CA ASN A 46 4.72 -8.25 -1.83
C ASN A 46 5.07 -7.77 -0.40
N GLU A 47 6.38 -7.51 -0.15
CA GLU A 47 6.88 -7.00 1.15
C GLU A 47 6.28 -5.61 1.50
N PHE A 48 5.80 -4.90 0.46
CA PHE A 48 5.19 -3.57 0.59
C PHE A 48 3.66 -3.67 0.80
N CYS A 49 3.19 -4.76 1.43
CA CYS A 49 1.74 -5.05 1.53
C CYS A 49 1.42 -5.92 2.75
N ALA A 50 0.28 -5.64 3.40
CA ALA A 50 -0.33 -6.55 4.38
C ALA A 50 -1.03 -7.69 3.62
N SER A 51 -1.40 -8.75 4.36
CA SER A 51 -1.89 -10.03 3.81
C SER A 51 -0.71 -10.86 3.23
N CYS A 52 0.53 -10.34 3.40
CA CYS A 52 1.77 -11.02 3.03
C CYS A 52 2.43 -11.60 4.29
N PRO A 53 3.04 -12.84 4.22
CA PRO A 53 3.69 -13.48 5.38
C PRO A 53 4.99 -12.74 5.79
N THR A 54 5.56 -11.99 4.84
CA THR A 54 6.83 -11.28 4.99
C THR A 54 6.65 -9.88 5.62
N PHE A 55 5.38 -9.43 5.73
CA PHE A 55 5.07 -8.07 6.23
C PHE A 55 4.99 -8.08 7.77
N LEU A 56 5.43 -6.98 8.38
CA LEU A 56 5.34 -6.75 9.83
C LEU A 56 4.52 -5.46 10.07
N ARG A 57 3.64 -5.49 11.09
CA ARG A 57 2.73 -4.37 11.39
C ARG A 57 3.49 -3.14 11.92
N MET A 58 2.90 -1.99 11.64
CA MET A 58 3.51 -0.68 11.83
C MET A 58 2.45 0.30 12.38
N ASP A 59 2.90 1.54 12.62
CA ASP A 59 2.01 2.65 13.01
C ASP A 59 1.34 3.24 11.75
N ASN A 60 0.17 3.89 11.93
CA ASN A 60 -0.61 4.50 10.83
C ASN A 60 0.20 5.60 10.09
N ASN A 61 1.02 6.36 10.84
CA ASN A 61 1.89 7.41 10.27
C ASN A 61 3.09 6.78 9.54
N ALA A 62 3.54 5.61 10.01
CA ALA A 62 4.60 4.82 9.34
C ALA A 62 4.07 4.27 8.00
N ALA A 63 2.78 3.90 7.99
CA ALA A 63 2.07 3.47 6.78
C ALA A 63 1.84 4.65 5.82
N ALA A 64 1.67 5.86 6.38
CA ALA A 64 1.48 7.10 5.59
C ALA A 64 2.77 7.49 4.85
N ILE A 65 3.90 7.45 5.58
CA ILE A 65 5.23 7.77 5.02
C ILE A 65 5.59 6.75 3.95
N LYS A 66 5.43 5.45 4.28
CA LYS A 66 5.77 4.36 3.37
C LYS A 66 4.85 4.37 2.13
N ALA A 67 3.57 4.79 2.30
CA ALA A 67 2.61 4.93 1.17
C ALA A 67 3.11 5.96 0.14
N LEU A 68 3.71 7.05 0.65
CA LEU A 68 4.36 8.08 -0.20
C LEU A 68 5.64 7.54 -0.86
N GLU A 69 6.40 6.69 -0.13
CA GLU A 69 7.59 6.01 -0.66
C GLU A 69 7.20 5.09 -1.81
N LEU A 70 6.07 4.39 -1.64
CA LEU A 70 5.55 3.44 -2.64
C LEU A 70 4.96 4.17 -3.83
N TYR A 71 4.35 5.33 -3.57
CA TYR A 71 3.72 6.15 -4.62
C TYR A 71 4.77 6.78 -5.54
N LYS A 72 5.89 7.25 -4.96
CA LYS A 72 6.94 7.94 -5.71
C LYS A 72 7.76 6.94 -6.57
N ILE A 73 7.98 5.72 -6.03
CA ILE A 73 8.77 4.66 -6.73
C ILE A 73 7.89 3.84 -7.68
N ASN A 74 6.55 4.00 -7.55
CA ASN A 74 5.53 3.23 -8.28
C ASN A 74 5.71 1.74 -7.97
N ALA A 75 5.46 1.39 -6.70
CA ALA A 75 5.69 0.03 -6.14
C ALA A 75 4.65 -0.99 -6.64
N LYS A 76 4.82 -2.25 -6.20
CA LYS A 76 3.91 -3.35 -6.52
C LYS A 76 2.51 -3.05 -5.92
N LEU A 77 1.64 -2.45 -6.74
CA LEU A 77 0.34 -1.96 -6.29
C LEU A 77 -0.72 -3.06 -6.38
N CYS A 78 -1.24 -3.45 -5.21
CA CYS A 78 -2.38 -4.36 -5.09
C CYS A 78 -3.68 -3.55 -5.22
N ASP A 79 -3.97 -3.17 -6.46
CA ASP A 79 -5.16 -2.38 -6.81
C ASP A 79 -6.30 -3.33 -7.26
N PRO A 80 -7.59 -3.00 -6.93
CA PRO A 80 -8.77 -3.78 -7.37
C PRO A 80 -8.87 -3.81 -8.92
N HIS A 81 -8.68 -5.00 -9.51
CA HIS A 81 -8.71 -5.18 -10.98
C HIS A 81 -10.14 -5.54 -11.46
N PRO A 82 -10.88 -4.58 -12.12
CA PRO A 82 -12.26 -4.81 -12.58
C PRO A 82 -12.31 -5.48 -13.99
ZN ZN B . -1.11 -7.54 -1.60
N MET A 19 1.31 18.25 -6.73
CA MET A 19 0.75 16.96 -7.18
C MET A 19 -0.59 16.63 -6.49
N LYS A 20 -1.22 17.65 -5.86
CA LYS A 20 -2.53 17.53 -5.18
C LYS A 20 -3.64 17.23 -6.21
N ARG A 21 -4.09 15.97 -6.24
CA ARG A 21 -5.09 15.47 -7.20
C ARG A 21 -5.87 14.30 -6.56
N ALA A 22 -7.08 14.01 -7.06
CA ALA A 22 -7.92 12.89 -6.59
C ALA A 22 -7.31 11.55 -7.03
N ALA A 23 -6.64 11.55 -8.20
CA ALA A 23 -5.87 10.40 -8.71
C ALA A 23 -4.68 10.09 -7.79
N ALA A 24 -4.00 11.17 -7.35
CA ALA A 24 -2.89 11.09 -6.37
C ALA A 24 -3.40 10.57 -5.03
N LYS A 25 -4.54 11.13 -4.56
CA LYS A 25 -5.21 10.74 -3.32
C LYS A 25 -5.63 9.25 -3.36
N HIS A 26 -6.07 8.80 -4.54
CA HIS A 26 -6.55 7.42 -4.74
C HIS A 26 -5.38 6.43 -4.75
N LEU A 27 -4.22 6.87 -5.28
CA LEU A 27 -2.98 6.08 -5.29
C LEU A 27 -2.41 5.96 -3.87
N ILE A 28 -2.45 7.08 -3.12
CA ILE A 28 -2.04 7.11 -1.71
C ILE A 28 -3.00 6.25 -0.87
N GLU A 29 -4.29 6.25 -1.24
CA GLU A 29 -5.34 5.41 -0.63
C GLU A 29 -5.01 3.92 -0.86
N ARG A 30 -4.62 3.59 -2.10
CA ARG A 30 -4.29 2.22 -2.52
C ARG A 30 -3.05 1.70 -1.76
N TYR A 31 -1.98 2.53 -1.68
CA TYR A 31 -0.71 2.16 -1.00
C TYR A 31 -0.87 2.14 0.54
N TYR A 32 -1.68 3.07 1.10
CA TYR A 32 -1.89 3.19 2.56
C TYR A 32 -2.71 2.00 3.07
N HIS A 33 -3.85 1.76 2.39
CA HIS A 33 -4.74 0.61 2.65
C HIS A 33 -3.99 -0.71 2.45
N GLN A 34 -3.01 -0.70 1.53
CA GLN A 34 -2.14 -1.86 1.25
C GLN A 34 -1.28 -2.22 2.48
N LEU A 35 -0.76 -1.19 3.15
CA LEU A 35 0.17 -1.36 4.31
C LEU A 35 -0.60 -1.64 5.63
N THR A 36 -1.76 -0.98 5.79
CA THR A 36 -2.55 -1.07 7.02
C THR A 36 -3.46 -2.31 6.99
N GLU A 37 -4.28 -2.41 5.94
CA GLU A 37 -5.36 -3.43 5.83
C GLU A 37 -4.94 -4.60 4.92
N GLY A 38 -4.09 -4.32 3.92
CA GLY A 38 -3.72 -5.29 2.87
C GLY A 38 -4.60 -5.13 1.64
N CYS A 39 -5.15 -6.24 1.15
CA CYS A 39 -6.06 -6.25 -0.03
C CYS A 39 -6.98 -7.48 0.01
N GLY A 40 -7.12 -8.11 1.20
CA GLY A 40 -7.98 -9.29 1.38
C GLY A 40 -7.21 -10.61 1.29
N ASN A 41 -6.51 -10.79 0.14
CA ASN A 41 -5.76 -12.03 -0.14
C ASN A 41 -4.50 -12.15 0.75
N GLU A 42 -4.48 -13.19 1.61
CA GLU A 42 -3.34 -13.51 2.48
C GLU A 42 -2.09 -13.92 1.66
N ALA A 43 -2.31 -14.82 0.68
CA ALA A 43 -1.25 -15.34 -0.20
C ALA A 43 -0.98 -14.35 -1.35
N CYS A 44 -0.47 -13.18 -0.95
CA CYS A 44 -0.22 -12.03 -1.86
C CYS A 44 1.30 -11.83 -1.99
N THR A 45 1.81 -11.85 -3.23
CA THR A 45 3.25 -11.74 -3.53
C THR A 45 3.64 -10.26 -3.63
N ASN A 46 3.60 -9.60 -2.46
CA ASN A 46 3.95 -8.19 -2.32
C ASN A 46 4.55 -7.99 -0.91
N GLU A 47 5.84 -7.63 -0.86
CA GLU A 47 6.59 -7.41 0.40
C GLU A 47 6.02 -6.24 1.21
N PHE A 48 5.22 -5.40 0.57
CA PHE A 48 4.48 -4.30 1.18
C PHE A 48 2.98 -4.57 1.05
N CYS A 49 2.43 -5.39 1.96
CA CYS A 49 0.98 -5.70 1.99
C CYS A 49 0.62 -6.40 3.30
N ALA A 50 -0.33 -5.85 4.08
CA ALA A 50 -0.75 -6.42 5.37
C ALA A 50 -1.47 -7.76 5.17
N SER A 51 -1.35 -8.63 6.19
CA SER A 51 -1.83 -10.04 6.16
C SER A 51 -0.96 -10.91 5.21
N CYS A 52 0.19 -10.37 4.74
CA CYS A 52 1.17 -11.15 3.94
C CYS A 52 2.40 -11.38 4.82
N PRO A 53 2.98 -12.63 4.82
CA PRO A 53 4.16 -12.98 5.67
C PRO A 53 5.44 -12.25 5.21
N THR A 54 5.40 -11.78 3.95
CA THR A 54 6.47 -11.01 3.32
C THR A 54 6.55 -9.57 3.88
N PHE A 55 5.46 -9.12 4.54
CA PHE A 55 5.36 -7.75 5.08
C PHE A 55 5.43 -7.74 6.61
N LEU A 56 6.35 -6.92 7.16
CA LEU A 56 6.40 -6.60 8.59
C LEU A 56 5.55 -5.35 8.82
N ARG A 57 4.41 -5.50 9.51
CA ARG A 57 3.42 -4.42 9.73
C ARG A 57 3.99 -3.28 10.59
N MET A 58 3.30 -2.14 10.52
CA MET A 58 3.75 -0.84 11.05
C MET A 58 2.54 -0.05 11.56
N ASP A 59 2.80 1.08 12.25
CA ASP A 59 1.73 1.97 12.77
C ASP A 59 1.17 2.85 11.64
N ASN A 60 0.09 3.61 11.94
CA ASN A 60 -0.65 4.40 10.92
C ASN A 60 0.20 5.55 10.32
N ASN A 61 1.06 6.16 11.16
CA ASN A 61 1.92 7.29 10.76
C ASN A 61 3.06 6.77 9.87
N ALA A 62 3.59 5.58 10.25
CA ALA A 62 4.65 4.89 9.50
C ALA A 62 4.15 4.43 8.13
N ALA A 63 2.89 3.95 8.10
CA ALA A 63 2.22 3.48 6.87
C ALA A 63 1.87 4.67 5.95
N ALA A 64 1.64 5.86 6.54
CA ALA A 64 1.36 7.10 5.79
C ALA A 64 2.61 7.56 5.04
N ILE A 65 3.74 7.65 5.78
CA ILE A 65 5.07 8.00 5.23
C ILE A 65 5.48 6.97 4.17
N LYS A 66 5.31 5.68 4.52
CA LYS A 66 5.71 4.55 3.67
C LYS A 66 4.91 4.55 2.36
N ALA A 67 3.60 4.92 2.45
CA ALA A 67 2.68 4.98 1.29
C ALA A 67 3.17 6.00 0.26
N LEU A 68 3.62 7.16 0.76
CA LEU A 68 4.19 8.23 -0.07
C LEU A 68 5.56 7.83 -0.65
N GLU A 69 6.32 7.01 0.08
CA GLU A 69 7.60 6.45 -0.41
C GLU A 69 7.35 5.47 -1.55
N LEU A 70 6.32 4.62 -1.41
CA LEU A 70 5.92 3.64 -2.44
C LEU A 70 5.30 4.35 -3.66
N TYR A 71 4.70 5.52 -3.40
CA TYR A 71 4.09 6.38 -4.44
C TYR A 71 5.17 6.97 -5.36
N LYS A 72 6.22 7.57 -4.73
CA LYS A 72 7.28 8.32 -5.45
C LYS A 72 8.25 7.38 -6.22
N ILE A 73 8.55 6.20 -5.63
CA ILE A 73 9.44 5.20 -6.27
C ILE A 73 8.65 4.33 -7.27
N ASN A 74 7.30 4.29 -7.10
CA ASN A 74 6.38 3.39 -7.82
C ASN A 74 6.76 1.92 -7.51
N ALA A 75 6.42 1.50 -6.28
CA ALA A 75 6.65 0.12 -5.79
C ALA A 75 5.54 -0.84 -6.25
N LYS A 76 5.54 -2.07 -5.71
CA LYS A 76 4.50 -3.07 -5.98
C LYS A 76 3.17 -2.61 -5.38
N LEU A 77 2.14 -2.61 -6.22
CA LEU A 77 0.81 -2.11 -5.87
C LEU A 77 -0.26 -3.21 -6.00
N CYS A 78 -1.20 -3.22 -5.03
CA CYS A 78 -2.38 -4.08 -5.04
C CYS A 78 -3.56 -3.27 -5.59
N ASP A 79 -3.49 -2.98 -6.89
CA ASP A 79 -4.56 -2.29 -7.64
C ASP A 79 -5.61 -3.31 -8.12
N PRO A 80 -6.85 -2.87 -8.52
CA PRO A 80 -7.82 -3.79 -9.18
C PRO A 80 -7.28 -4.24 -10.56
N HIS A 81 -6.83 -5.50 -10.64
CA HIS A 81 -6.06 -6.04 -11.78
C HIS A 81 -7.00 -6.82 -12.73
N PRO A 82 -7.22 -6.34 -13.99
CA PRO A 82 -8.00 -7.06 -15.03
C PRO A 82 -7.26 -8.35 -15.50
ZN ZN B . -1.86 -7.38 -1.55
N MET A 19 -0.34 16.65 -12.34
CA MET A 19 -1.12 15.38 -12.45
C MET A 19 -2.51 15.57 -11.82
N LYS A 20 -3.43 14.65 -12.14
CA LYS A 20 -4.80 14.64 -11.59
C LYS A 20 -4.73 14.40 -10.07
N ARG A 21 -5.37 15.29 -9.29
CA ARG A 21 -5.30 15.25 -7.81
C ARG A 21 -6.18 14.13 -7.24
N ALA A 22 -7.19 13.70 -8.02
CA ALA A 22 -8.00 12.51 -7.68
C ALA A 22 -7.14 11.25 -7.82
N ALA A 23 -6.40 11.16 -8.95
CA ALA A 23 -5.50 10.05 -9.23
C ALA A 23 -4.36 9.98 -8.19
N ALA A 24 -3.79 11.16 -7.85
CA ALA A 24 -2.67 11.29 -6.91
C ALA A 24 -3.10 10.87 -5.48
N LYS A 25 -4.21 11.49 -5.00
CA LYS A 25 -4.77 11.22 -3.66
C LYS A 25 -5.12 9.75 -3.47
N HIS A 26 -5.87 9.20 -4.44
CA HIS A 26 -6.34 7.81 -4.38
C HIS A 26 -5.18 6.81 -4.57
N LEU A 27 -4.11 7.21 -5.30
CA LEU A 27 -2.89 6.37 -5.47
C LEU A 27 -2.20 6.17 -4.11
N ILE A 28 -2.00 7.28 -3.39
CA ILE A 28 -1.47 7.31 -2.01
C ILE A 28 -2.37 6.49 -1.07
N GLU A 29 -3.69 6.65 -1.26
CA GLU A 29 -4.74 5.95 -0.48
C GLU A 29 -4.69 4.43 -0.70
N ARG A 30 -4.37 4.02 -1.94
CA ARG A 30 -4.28 2.59 -2.30
C ARG A 30 -3.01 1.96 -1.70
N TYR A 31 -1.91 2.75 -1.64
CA TYR A 31 -0.66 2.33 -0.98
C TYR A 31 -0.83 2.24 0.54
N TYR A 32 -1.57 3.21 1.10
CA TYR A 32 -1.85 3.28 2.55
C TYR A 32 -2.74 2.11 2.96
N HIS A 33 -3.77 1.85 2.15
CA HIS A 33 -4.72 0.73 2.32
C HIS A 33 -4.00 -0.61 2.16
N GLN A 34 -2.99 -0.63 1.26
CA GLN A 34 -2.13 -1.79 1.00
C GLN A 34 -1.23 -2.09 2.21
N LEU A 35 -0.82 -1.05 2.94
CA LEU A 35 0.03 -1.19 4.14
C LEU A 35 -0.79 -1.55 5.38
N THR A 36 -2.02 -1.00 5.50
CA THR A 36 -2.86 -1.16 6.69
C THR A 36 -3.69 -2.45 6.64
N GLU A 37 -4.56 -2.57 5.62
CA GLU A 37 -5.44 -3.76 5.44
C GLU A 37 -4.77 -4.81 4.54
N GLY A 38 -4.01 -4.31 3.56
CA GLY A 38 -3.35 -5.15 2.57
C GLY A 38 -4.22 -5.34 1.36
N CYS A 39 -4.69 -6.57 1.20
CA CYS A 39 -5.70 -6.93 0.20
C CYS A 39 -6.53 -8.14 0.70
N GLY A 40 -6.38 -8.48 2.02
CA GLY A 40 -7.10 -9.59 2.64
C GLY A 40 -6.48 -10.96 2.39
N ASN A 41 -6.09 -11.23 1.13
CA ASN A 41 -5.53 -12.51 0.68
C ASN A 41 -4.12 -12.78 1.28
N GLU A 42 -3.94 -14.02 1.77
CA GLU A 42 -2.66 -14.52 2.29
C GLU A 42 -1.69 -14.89 1.14
N ALA A 43 -2.26 -15.41 0.04
CA ALA A 43 -1.51 -15.85 -1.15
C ALA A 43 -1.18 -14.63 -2.04
N CYS A 44 -0.42 -13.69 -1.47
CA CYS A 44 -0.10 -12.40 -2.08
C CYS A 44 1.42 -12.25 -2.24
N THR A 45 1.86 -11.95 -3.48
CA THR A 45 3.29 -11.81 -3.84
C THR A 45 3.75 -10.32 -3.70
N ASN A 46 3.23 -9.63 -2.66
CA ASN A 46 3.57 -8.22 -2.38
C ASN A 46 4.03 -8.11 -0.91
N GLU A 47 5.32 -7.77 -0.72
CA GLU A 47 5.97 -7.65 0.61
C GLU A 47 5.61 -6.33 1.32
N PHE A 48 5.15 -5.33 0.54
CA PHE A 48 4.71 -4.02 1.05
C PHE A 48 3.20 -4.05 1.31
N CYS A 49 2.69 -5.18 1.81
CA CYS A 49 1.24 -5.44 1.87
C CYS A 49 0.85 -6.21 3.12
N ALA A 50 -0.05 -5.64 3.93
CA ALA A 50 -0.61 -6.29 5.13
C ALA A 50 -1.42 -7.55 4.75
N SER A 51 -1.67 -8.42 5.75
CA SER A 51 -2.30 -9.75 5.56
C SER A 51 -1.42 -10.70 4.71
N CYS A 52 -0.16 -10.29 4.41
CA CYS A 52 0.85 -11.14 3.75
C CYS A 52 1.96 -11.47 4.79
N PRO A 53 2.50 -12.73 4.79
CA PRO A 53 3.58 -13.14 5.74
C PRO A 53 4.93 -12.45 5.44
N THR A 54 5.03 -11.85 4.25
CA THR A 54 6.22 -11.13 3.77
C THR A 54 6.20 -9.64 4.18
N PHE A 55 5.25 -9.26 5.07
CA PHE A 55 5.09 -7.89 5.56
C PHE A 55 5.46 -7.77 7.04
N LEU A 56 6.28 -6.77 7.39
CA LEU A 56 6.58 -6.40 8.77
C LEU A 56 5.54 -5.34 9.19
N ARG A 57 4.84 -5.60 10.31
CA ARG A 57 3.77 -4.72 10.83
C ARG A 57 4.33 -3.36 11.29
N MET A 58 3.47 -2.34 11.24
CA MET A 58 3.87 -0.93 11.37
C MET A 58 2.87 -0.13 12.22
N ASP A 59 3.19 1.15 12.47
CA ASP A 59 2.26 2.13 13.05
C ASP A 59 1.53 2.85 11.90
N ASN A 60 0.37 3.47 12.18
CA ASN A 60 -0.43 4.20 11.16
C ASN A 60 0.36 5.38 10.56
N ASN A 61 1.17 6.05 11.40
CA ASN A 61 2.07 7.15 10.97
C ASN A 61 3.16 6.59 10.03
N ALA A 62 3.69 5.39 10.38
CA ALA A 62 4.70 4.69 9.57
C ALA A 62 4.11 4.25 8.21
N ALA A 63 2.83 3.87 8.23
CA ALA A 63 2.06 3.47 7.03
C ALA A 63 1.79 4.69 6.13
N ALA A 64 1.58 5.86 6.76
CA ALA A 64 1.34 7.13 6.04
C ALA A 64 2.62 7.56 5.30
N ILE A 65 3.76 7.55 6.03
CA ILE A 65 5.08 7.90 5.50
C ILE A 65 5.45 6.96 4.34
N LYS A 66 5.31 5.66 4.59
CA LYS A 66 5.70 4.62 3.62
C LYS A 66 4.75 4.60 2.42
N ALA A 67 3.49 5.06 2.60
CA ALA A 67 2.51 5.20 1.48
C ALA A 67 3.02 6.23 0.45
N LEU A 68 3.54 7.35 0.97
CA LEU A 68 4.14 8.42 0.15
C LEU A 68 5.49 7.97 -0.48
N GLU A 69 6.22 7.09 0.23
CA GLU A 69 7.49 6.51 -0.29
C GLU A 69 7.21 5.56 -1.46
N LEU A 70 6.18 4.72 -1.30
CA LEU A 70 5.76 3.77 -2.32
C LEU A 70 5.12 4.50 -3.52
N TYR A 71 4.54 5.68 -3.23
CA TYR A 71 3.94 6.56 -4.25
C TYR A 71 5.03 7.15 -5.18
N LYS A 72 6.06 7.75 -4.57
CA LYS A 72 7.11 8.48 -5.30
C LYS A 72 8.03 7.54 -6.11
N ILE A 73 8.21 6.29 -5.63
CA ILE A 73 9.02 5.27 -6.33
C ILE A 73 8.14 4.41 -7.29
N ASN A 74 6.79 4.53 -7.13
CA ASN A 74 5.78 3.79 -7.91
C ASN A 74 5.97 2.27 -7.74
N ALA A 75 5.86 1.82 -6.49
CA ALA A 75 6.06 0.42 -6.10
C ALA A 75 4.90 -0.48 -6.55
N LYS A 76 5.08 -1.79 -6.35
CA LYS A 76 4.06 -2.82 -6.62
C LYS A 76 2.80 -2.55 -5.77
N LEU A 77 1.64 -2.48 -6.43
CA LEU A 77 0.37 -2.06 -5.80
C LEU A 77 -0.69 -3.17 -5.92
N CYS A 78 -1.38 -3.46 -4.78
CA CYS A 78 -2.55 -4.36 -4.76
C CYS A 78 -3.84 -3.57 -5.00
N ASP A 79 -4.20 -3.41 -6.28
CA ASP A 79 -5.49 -2.82 -6.70
C ASP A 79 -6.52 -3.96 -6.88
N PRO A 80 -7.86 -3.66 -7.04
CA PRO A 80 -8.86 -4.72 -7.34
C PRO A 80 -8.62 -5.31 -8.75
N HIS A 81 -8.11 -6.54 -8.81
CA HIS A 81 -7.73 -7.22 -10.07
C HIS A 81 -8.73 -8.35 -10.41
N PRO A 82 -8.87 -8.75 -11.71
CA PRO A 82 -9.74 -9.91 -12.12
C PRO A 82 -9.19 -11.26 -11.57
ZN ZN B . -1.55 -7.81 -1.36
#